data_2MA6
#
_entry.id   2MA6
#
loop_
_entity.id
_entity.type
_entity.pdbx_description
1 polymer 'E3 ubiquitin-protein ligase RNF123'
2 non-polymer 'ZINC ION'
#
_entity_poly.entity_id   1
_entity_poly.type   'polypeptide(L)'
_entity_poly.pdbx_seq_one_letter_code
;SHMPTSEEDLCPICYAHPISAVFQPCGHKSCKACINQHLMNNKDCFFCKTTIVSVEDWEKG
;
_entity_poly.pdbx_strand_id   A
#
# COMPACT_ATOMS: atom_id res chain seq x y z
N SER A 1 9.96 -6.50 13.70
CA SER A 1 9.11 -5.65 14.56
C SER A 1 7.67 -5.62 14.05
N HIS A 2 6.71 -5.35 14.95
CA HIS A 2 5.30 -5.12 14.61
C HIS A 2 4.80 -3.90 15.44
N MET A 3 4.77 -2.72 14.80
CA MET A 3 4.38 -1.45 15.46
C MET A 3 3.20 -0.81 14.70
N PRO A 4 2.01 -0.58 15.39
CA PRO A 4 0.86 0.13 14.76
C PRO A 4 1.11 1.65 14.68
N THR A 5 1.88 2.17 15.65
CA THR A 5 2.23 3.58 15.75
C THR A 5 3.49 3.85 14.92
N SER A 6 3.30 4.45 13.74
CA SER A 6 4.37 4.77 12.80
C SER A 6 4.74 6.26 12.89
N GLU A 7 6.00 6.59 12.50
CA GLU A 7 6.53 7.97 12.55
C GLU A 7 5.77 8.90 11.58
N GLU A 8 5.36 8.32 10.44
CA GLU A 8 4.54 9.00 9.39
C GLU A 8 3.45 8.02 8.92
N ASP A 9 2.92 8.23 7.69
CA ASP A 9 2.00 7.26 7.05
C ASP A 9 2.80 6.11 6.39
N LEU A 10 3.81 5.60 7.12
CA LEU A 10 4.75 4.61 6.59
C LEU A 10 4.04 3.28 6.31
N CYS A 11 4.19 2.79 5.06
CA CYS A 11 3.61 1.52 4.58
C CYS A 11 3.93 0.38 5.56
N PRO A 12 2.93 -0.21 6.29
CA PRO A 12 3.17 -1.20 7.40
C PRO A 12 3.86 -2.50 6.92
N ILE A 13 3.73 -2.78 5.61
CA ILE A 13 4.37 -3.94 4.95
C ILE A 13 5.92 -3.78 4.90
N CYS A 14 6.38 -2.51 4.88
CA CYS A 14 7.77 -2.16 4.50
C CYS A 14 8.51 -1.33 5.57
N TYR A 15 7.75 -0.47 6.31
CA TYR A 15 8.26 0.53 7.28
C TYR A 15 9.06 1.70 6.63
N ALA A 16 10.00 1.39 5.71
CA ALA A 16 10.99 2.35 5.20
C ALA A 16 10.37 3.50 4.36
N HIS A 17 9.34 3.18 3.56
CA HIS A 17 8.69 4.16 2.63
C HIS A 17 7.20 4.31 3.01
N PRO A 18 6.57 5.52 2.76
CA PRO A 18 5.16 5.78 3.12
C PRO A 18 4.16 5.28 2.07
N ILE A 19 2.89 5.62 2.29
CA ILE A 19 1.79 5.31 1.37
C ILE A 19 1.76 6.32 0.21
N SER A 20 1.44 5.81 -1.00
CA SER A 20 1.31 6.64 -2.22
C SER A 20 0.28 6.05 -3.20
N ALA A 21 -0.28 4.86 -2.88
CA ALA A 21 -1.20 4.14 -3.78
C ALA A 21 -2.40 3.56 -3.01
N VAL A 22 -3.61 3.79 -3.54
CA VAL A 22 -4.87 3.23 -3.03
C VAL A 22 -5.36 2.10 -3.97
N PHE A 23 -5.99 1.07 -3.39
CA PHE A 23 -6.44 -0.13 -4.12
C PHE A 23 -7.96 -0.18 -4.15
N GLN A 24 -8.54 0.47 -5.18
CA GLN A 24 -9.99 0.61 -5.36
C GLN A 24 -10.64 -0.70 -5.85
N PRO A 25 -11.98 -0.91 -5.60
CA PRO A 25 -12.90 0.01 -4.81
C PRO A 25 -12.81 -0.17 -3.27
N CYS A 26 -11.91 -1.06 -2.81
CA CYS A 26 -11.76 -1.38 -1.37
C CYS A 26 -11.27 -0.18 -0.56
N GLY A 27 -10.20 0.47 -1.04
CA GLY A 27 -9.65 1.66 -0.39
C GLY A 27 -8.40 1.41 0.45
N HIS A 28 -7.94 0.12 0.56
CA HIS A 28 -6.67 -0.21 1.28
C HIS A 28 -5.49 0.43 0.56
N LYS A 29 -4.48 0.87 1.35
CA LYS A 29 -3.39 1.71 0.84
C LYS A 29 -2.02 1.19 1.31
N SER A 30 -1.00 1.39 0.46
CA SER A 30 0.40 1.09 0.77
C SER A 30 1.32 1.86 -0.21
N CYS A 31 2.63 1.53 -0.21
CA CYS A 31 3.60 2.17 -1.13
C CYS A 31 3.42 1.62 -2.56
N LYS A 32 3.76 2.45 -3.57
CA LYS A 32 3.67 2.06 -5.00
C LYS A 32 4.52 0.80 -5.31
N ALA A 33 5.71 0.73 -4.66
CA ALA A 33 6.64 -0.42 -4.80
C ALA A 33 5.99 -1.77 -4.41
N CYS A 34 5.00 -1.73 -3.49
CA CYS A 34 4.24 -2.92 -3.05
C CYS A 34 3.52 -3.57 -4.22
N ILE A 35 2.60 -2.82 -4.84
CA ILE A 35 1.72 -3.35 -5.89
C ILE A 35 2.51 -3.74 -7.16
N ASN A 36 3.48 -2.91 -7.55
CA ASN A 36 4.32 -3.16 -8.75
C ASN A 36 5.07 -4.53 -8.62
N GLN A 37 5.61 -4.77 -7.41
CA GLN A 37 6.30 -6.04 -7.09
C GLN A 37 5.27 -7.19 -6.95
N HIS A 38 4.08 -6.84 -6.43
CA HIS A 38 2.99 -7.78 -6.15
C HIS A 38 2.35 -8.30 -7.45
N LEU A 39 2.39 -7.48 -8.52
CA LEU A 39 1.83 -7.85 -9.84
C LEU A 39 2.66 -8.93 -10.54
N MET A 40 3.85 -9.20 -9.98
CA MET A 40 4.73 -10.32 -10.40
C MET A 40 4.28 -11.65 -9.75
N ASN A 41 3.42 -11.54 -8.73
CA ASN A 41 2.88 -12.69 -7.96
C ASN A 41 1.34 -12.77 -8.16
N ASN A 42 0.59 -11.85 -7.51
CA ASN A 42 -0.91 -11.80 -7.52
C ASN A 42 -1.42 -10.42 -7.99
N LYS A 43 -2.74 -10.18 -7.82
CA LYS A 43 -3.38 -8.85 -8.03
C LYS A 43 -4.33 -8.55 -6.86
N ASP A 44 -4.07 -9.17 -5.68
CA ASP A 44 -4.95 -9.03 -4.50
C ASP A 44 -4.58 -7.81 -3.64
N CYS A 45 -5.51 -7.42 -2.74
CA CYS A 45 -5.48 -6.16 -1.98
C CYS A 45 -4.82 -6.33 -0.59
N PHE A 46 -3.78 -7.20 -0.55
CA PHE A 46 -2.84 -7.37 0.59
C PHE A 46 -3.56 -7.66 1.94
N PHE A 47 -4.03 -6.58 2.58
CA PHE A 47 -4.55 -6.57 3.96
C PHE A 47 -5.92 -7.29 4.10
N CYS A 48 -6.57 -7.59 2.96
CA CYS A 48 -7.86 -8.31 2.94
C CYS A 48 -7.96 -9.30 1.75
N LYS A 49 -6.95 -9.26 0.84
CA LYS A 49 -6.82 -10.18 -0.33
C LYS A 49 -8.00 -10.04 -1.36
N THR A 50 -8.68 -8.88 -1.35
CA THR A 50 -9.74 -8.55 -2.33
C THR A 50 -9.12 -8.25 -3.71
N THR A 51 -9.87 -8.49 -4.81
CA THR A 51 -9.43 -8.14 -6.17
C THR A 51 -9.29 -6.60 -6.31
N ILE A 52 -8.07 -6.15 -6.64
CA ILE A 52 -7.82 -4.74 -6.96
C ILE A 52 -8.27 -4.47 -8.40
N VAL A 53 -9.35 -3.70 -8.57
CA VAL A 53 -9.85 -3.31 -9.90
C VAL A 53 -8.94 -2.22 -10.49
N SER A 54 -8.59 -1.20 -9.68
CA SER A 54 -7.74 -0.07 -10.12
C SER A 54 -6.78 0.35 -9.00
N VAL A 55 -5.50 0.55 -9.36
CA VAL A 55 -4.47 1.11 -8.46
C VAL A 55 -4.24 2.58 -8.82
N GLU A 56 -4.78 3.48 -8.00
CA GLU A 56 -4.64 4.93 -8.19
C GLU A 56 -3.63 5.49 -7.21
N ASP A 57 -3.05 6.64 -7.57
CA ASP A 57 -2.12 7.36 -6.70
C ASP A 57 -2.93 8.14 -5.64
N TRP A 58 -2.86 7.67 -4.39
CA TRP A 58 -3.49 8.36 -3.27
C TRP A 58 -2.65 9.60 -2.89
N GLU A 59 -3.21 10.80 -3.13
CA GLU A 59 -2.60 12.07 -2.74
C GLU A 59 -2.87 12.30 -1.24
N LYS A 60 -1.82 12.63 -0.49
CA LYS A 60 -1.92 12.92 0.96
C LYS A 60 -2.08 14.43 1.23
N GLY A 61 -2.22 15.21 0.15
CA GLY A 61 -2.45 16.65 0.26
C GLY A 61 -2.62 17.30 -1.12
N SER A 1 -8.01 11.29 22.19
CA SER A 1 -7.27 10.29 21.38
C SER A 1 -5.77 10.30 21.77
N HIS A 2 -5.34 9.29 22.55
CA HIS A 2 -3.95 9.18 23.01
C HIS A 2 -3.16 8.24 22.08
N MET A 3 -2.01 8.73 21.58
CA MET A 3 -1.13 7.95 20.66
C MET A 3 0.28 7.76 21.31
N PRO A 4 0.49 6.62 22.07
CA PRO A 4 1.80 6.30 22.70
C PRO A 4 2.88 5.90 21.66
N THR A 5 2.46 5.25 20.56
CA THR A 5 3.34 4.90 19.43
C THR A 5 2.99 5.79 18.24
N SER A 6 3.76 6.88 18.07
CA SER A 6 3.60 7.84 16.97
C SER A 6 4.53 7.41 15.80
N GLU A 7 4.40 6.14 15.39
CA GLU A 7 5.30 5.51 14.41
C GLU A 7 4.90 5.88 12.97
N GLU A 8 5.29 7.11 12.59
CA GLU A 8 5.34 7.59 11.19
C GLU A 8 3.95 7.59 10.47
N ASP A 9 3.96 7.99 9.18
CA ASP A 9 2.78 7.92 8.29
C ASP A 9 3.10 6.94 7.13
N LEU A 10 4.13 6.09 7.35
CA LEU A 10 4.74 5.29 6.28
C LEU A 10 3.95 3.98 6.03
N CYS A 11 4.32 3.31 4.93
CA CYS A 11 3.75 2.01 4.52
C CYS A 11 4.03 0.95 5.62
N PRO A 12 2.97 0.34 6.27
CA PRO A 12 3.15 -0.62 7.41
C PRO A 12 3.75 -1.99 6.99
N ILE A 13 3.94 -2.15 5.68
CA ILE A 13 4.55 -3.35 5.06
C ILE A 13 6.10 -3.16 4.92
N CYS A 14 6.56 -1.90 4.90
CA CYS A 14 7.93 -1.53 4.48
C CYS A 14 8.66 -0.71 5.57
N TYR A 15 7.99 0.36 6.01
CA TYR A 15 8.48 1.31 7.06
C TYR A 15 9.63 2.23 6.59
N ALA A 16 10.21 1.99 5.39
CA ALA A 16 11.30 2.83 4.85
C ALA A 16 10.77 3.82 3.80
N HIS A 17 9.53 3.62 3.31
CA HIS A 17 8.88 4.54 2.33
C HIS A 17 7.40 4.74 2.72
N PRO A 18 6.80 5.95 2.41
CA PRO A 18 5.40 6.28 2.76
C PRO A 18 4.32 5.48 1.99
N ILE A 19 3.07 5.69 2.41
CA ILE A 19 1.89 5.24 1.66
C ILE A 19 1.75 6.14 0.42
N SER A 20 1.63 5.52 -0.76
CA SER A 20 1.62 6.25 -2.05
C SER A 20 0.65 5.60 -3.05
N ALA A 21 -0.25 4.73 -2.55
CA ALA A 21 -1.21 3.98 -3.36
C ALA A 21 -2.44 3.58 -2.53
N VAL A 22 -3.60 3.48 -3.19
CA VAL A 22 -4.86 3.03 -2.56
C VAL A 22 -5.63 2.13 -3.56
N PHE A 23 -5.98 0.91 -3.11
CA PHE A 23 -6.57 -0.14 -3.96
C PHE A 23 -8.10 0.04 -4.01
N GLN A 24 -8.57 0.55 -5.14
CA GLN A 24 -9.98 0.90 -5.36
C GLN A 24 -10.68 -0.22 -6.18
N PRO A 25 -11.99 -0.57 -5.90
CA PRO A 25 -12.82 0.00 -4.84
C PRO A 25 -12.82 -0.86 -3.55
N CYS A 26 -11.87 -0.56 -2.65
CA CYS A 26 -11.82 -1.20 -1.32
C CYS A 26 -11.37 -0.22 -0.22
N GLY A 27 -10.38 0.65 -0.54
CA GLY A 27 -9.92 1.70 0.38
C GLY A 27 -8.62 1.36 1.13
N HIS A 28 -8.22 0.05 1.14
CA HIS A 28 -6.91 -0.37 1.74
C HIS A 28 -5.75 0.33 1.02
N LYS A 29 -4.80 0.85 1.80
CA LYS A 29 -3.68 1.67 1.32
C LYS A 29 -2.34 0.98 1.57
N SER A 30 -1.33 1.43 0.81
CA SER A 30 0.05 0.91 0.81
C SER A 30 0.92 1.78 -0.10
N CYS A 31 2.20 1.43 -0.29
CA CYS A 31 3.10 2.11 -1.24
C CYS A 31 2.97 1.43 -2.61
N LYS A 32 3.20 2.19 -3.71
CA LYS A 32 3.08 1.66 -5.10
C LYS A 32 4.11 0.55 -5.39
N ALA A 33 5.25 0.58 -4.65
CA ALA A 33 6.29 -0.47 -4.72
C ALA A 33 5.73 -1.85 -4.36
N CYS A 34 4.88 -1.87 -3.30
CA CYS A 34 4.20 -3.08 -2.81
C CYS A 34 3.38 -3.75 -3.93
N ILE A 35 2.45 -2.98 -4.52
CA ILE A 35 1.47 -3.53 -5.47
C ILE A 35 2.17 -3.95 -6.78
N ASN A 36 3.15 -3.16 -7.25
CA ASN A 36 3.93 -3.50 -8.46
C ASN A 36 4.74 -4.81 -8.25
N GLN A 37 5.26 -5.00 -7.02
CA GLN A 37 5.96 -6.25 -6.63
C GLN A 37 4.97 -7.43 -6.50
N HIS A 38 3.74 -7.11 -6.05
CA HIS A 38 2.65 -8.08 -5.87
C HIS A 38 2.15 -8.57 -7.25
N LEU A 39 2.16 -7.65 -8.24
CA LEU A 39 1.70 -7.92 -9.62
C LEU A 39 2.70 -8.80 -10.39
N MET A 40 3.88 -9.06 -9.78
CA MET A 40 4.85 -10.05 -10.28
C MET A 40 4.43 -11.48 -9.90
N ASN A 41 3.51 -11.59 -8.92
CA ASN A 41 3.00 -12.88 -8.40
C ASN A 41 1.49 -13.00 -8.70
N ASN A 42 0.67 -12.23 -7.93
CA ASN A 42 -0.81 -12.27 -7.99
C ASN A 42 -1.37 -10.84 -8.23
N LYS A 43 -2.69 -10.65 -8.05
CA LYS A 43 -3.35 -9.34 -8.23
C LYS A 43 -4.44 -9.17 -7.16
N ASP A 44 -4.01 -8.76 -5.94
CA ASP A 44 -4.88 -8.65 -4.75
C ASP A 44 -4.62 -7.35 -4.00
N CYS A 45 -5.56 -7.05 -3.09
CA CYS A 45 -5.54 -5.86 -2.21
C CYS A 45 -4.87 -6.19 -0.86
N PHE A 46 -3.92 -7.16 -0.92
CA PHE A 46 -3.03 -7.54 0.19
C PHE A 46 -3.80 -8.13 1.39
N PHE A 47 -4.27 -7.23 2.26
CA PHE A 47 -4.80 -7.56 3.60
C PHE A 47 -6.06 -8.43 3.50
N CYS A 48 -7.03 -7.97 2.71
CA CYS A 48 -8.33 -8.66 2.52
C CYS A 48 -8.30 -9.61 1.30
N LYS A 49 -7.23 -9.47 0.46
CA LYS A 49 -7.04 -10.24 -0.82
C LYS A 49 -8.16 -9.97 -1.86
N THR A 50 -8.79 -8.78 -1.81
CA THR A 50 -9.72 -8.31 -2.87
C THR A 50 -8.95 -8.10 -4.17
N THR A 51 -9.32 -8.84 -5.23
CA THR A 51 -8.68 -8.73 -6.56
C THR A 51 -8.74 -7.28 -7.08
N ILE A 52 -7.59 -6.75 -7.50
CA ILE A 52 -7.45 -5.34 -7.92
C ILE A 52 -8.32 -5.03 -9.17
N VAL A 53 -9.17 -4.00 -9.04
CA VAL A 53 -9.90 -3.42 -10.18
C VAL A 53 -9.14 -2.17 -10.67
N SER A 54 -8.66 -1.36 -9.69
CA SER A 54 -7.86 -0.15 -9.95
C SER A 54 -6.96 0.15 -8.73
N VAL A 55 -5.81 0.81 -8.99
CA VAL A 55 -4.94 1.38 -7.94
C VAL A 55 -4.74 2.86 -8.26
N GLU A 56 -5.10 3.74 -7.31
CA GLU A 56 -4.96 5.20 -7.46
C GLU A 56 -3.62 5.68 -6.89
N ASP A 57 -3.11 6.78 -7.47
CA ASP A 57 -1.93 7.47 -6.98
C ASP A 57 -2.33 8.30 -5.74
N TRP A 58 -2.10 7.72 -4.55
CA TRP A 58 -2.47 8.36 -3.28
C TRP A 58 -1.36 9.33 -2.84
N GLU A 59 -1.70 10.62 -2.76
CA GLU A 59 -0.79 11.70 -2.32
C GLU A 59 -1.26 12.23 -0.96
N LYS A 60 -0.34 12.28 0.02
CA LYS A 60 -0.60 12.89 1.33
C LYS A 60 -0.31 14.39 1.26
N GLY A 61 -1.26 15.21 1.72
CA GLY A 61 -1.14 16.67 1.66
C GLY A 61 -1.97 17.32 2.75
N SER A 1 16.86 0.60 18.92
CA SER A 1 15.75 0.47 17.96
C SER A 1 15.96 -0.77 17.07
N HIS A 2 14.90 -1.57 16.90
CA HIS A 2 14.87 -2.69 15.95
C HIS A 2 14.94 -2.19 14.50
N MET A 3 13.95 -1.35 14.12
CA MET A 3 13.87 -0.75 12.78
C MET A 3 13.81 0.79 12.92
N PRO A 4 14.46 1.57 11.99
CA PRO A 4 14.32 3.04 11.93
C PRO A 4 13.02 3.45 11.19
N THR A 5 12.23 4.31 11.83
CA THR A 5 11.04 4.93 11.22
C THR A 5 11.48 6.09 10.30
N SER A 6 10.67 6.39 9.27
CA SER A 6 10.97 7.47 8.31
C SER A 6 9.64 7.89 7.66
N GLU A 7 9.27 9.18 7.86
CA GLU A 7 7.96 9.76 7.47
C GLU A 7 6.80 9.20 8.32
N GLU A 8 5.59 9.72 8.06
CA GLU A 8 4.32 9.22 8.63
C GLU A 8 3.30 8.98 7.50
N ASP A 9 2.14 8.40 7.85
CA ASP A 9 1.24 7.71 6.89
C ASP A 9 2.03 6.61 6.19
N LEU A 10 2.61 5.73 7.03
CA LEU A 10 3.55 4.70 6.59
C LEU A 10 2.88 3.61 5.76
N CYS A 11 3.62 3.13 4.75
CA CYS A 11 3.25 1.95 3.98
C CYS A 11 3.23 0.73 4.92
N PRO A 12 2.03 0.11 5.18
CA PRO A 12 1.89 -0.97 6.21
C PRO A 12 2.80 -2.20 5.97
N ILE A 13 3.27 -2.37 4.72
CA ILE A 13 4.19 -3.44 4.33
C ILE A 13 5.65 -3.04 4.71
N CYS A 14 6.07 -1.83 4.32
CA CYS A 14 7.48 -1.38 4.39
C CYS A 14 7.87 -0.92 5.82
N TYR A 15 7.00 -0.08 6.43
CA TYR A 15 7.20 0.59 7.75
C TYR A 15 8.22 1.76 7.69
N ALA A 16 9.30 1.61 6.90
CA ALA A 16 10.39 2.61 6.82
C ALA A 16 10.17 3.67 5.72
N HIS A 17 9.05 3.59 4.98
CA HIS A 17 8.69 4.57 3.92
C HIS A 17 7.15 4.72 3.87
N PRO A 18 6.60 5.91 3.46
CA PRO A 18 5.14 6.20 3.47
C PRO A 18 4.36 5.53 2.30
N ILE A 19 3.09 5.94 2.16
CA ILE A 19 2.16 5.49 1.09
C ILE A 19 2.34 6.35 -0.20
N SER A 20 1.99 5.77 -1.36
CA SER A 20 2.04 6.45 -2.67
C SER A 20 0.83 6.05 -3.56
N ALA A 21 0.05 5.02 -3.15
CA ALA A 21 -0.99 4.40 -4.00
C ALA A 21 -2.14 3.83 -3.15
N VAL A 22 -3.37 3.90 -3.69
CA VAL A 22 -4.59 3.31 -3.09
C VAL A 22 -5.08 2.11 -3.94
N PHE A 23 -5.55 1.06 -3.26
CA PHE A 23 -6.12 -0.14 -3.89
C PHE A 23 -7.66 -0.01 -3.89
N GLN A 24 -8.21 0.46 -5.01
CA GLN A 24 -9.66 0.65 -5.17
C GLN A 24 -10.32 -0.61 -5.76
N PRO A 25 -11.62 -0.89 -5.40
CA PRO A 25 -12.51 -0.03 -4.55
C PRO A 25 -12.39 -0.28 -3.03
N CYS A 26 -11.34 -1.01 -2.60
CA CYS A 26 -11.20 -1.44 -1.20
C CYS A 26 -10.96 -0.25 -0.23
N GLY A 27 -9.78 0.37 -0.30
CA GLY A 27 -9.42 1.47 0.61
C GLY A 27 -8.05 1.29 1.26
N HIS A 28 -7.58 0.01 1.36
CA HIS A 28 -6.19 -0.28 1.80
C HIS A 28 -5.18 0.34 0.83
N LYS A 29 -4.04 0.78 1.37
CA LYS A 29 -3.04 1.57 0.62
C LYS A 29 -1.62 1.09 0.93
N SER A 30 -0.67 1.45 0.05
CA SER A 30 0.77 1.21 0.23
C SER A 30 1.56 2.07 -0.78
N CYS A 31 2.88 1.89 -0.84
CA CYS A 31 3.72 2.54 -1.86
C CYS A 31 3.61 1.76 -3.19
N LYS A 32 3.89 2.44 -4.32
CA LYS A 32 3.78 1.85 -5.67
C LYS A 32 4.78 0.69 -5.89
N ALA A 33 5.91 0.73 -5.16
CA ALA A 33 6.93 -0.35 -5.20
C ALA A 33 6.36 -1.71 -4.74
N CYS A 34 5.43 -1.67 -3.75
CA CYS A 34 4.76 -2.88 -3.20
C CYS A 34 3.81 -3.50 -4.23
N ILE A 35 3.01 -2.66 -4.92
CA ILE A 35 2.02 -3.18 -5.89
C ILE A 35 2.71 -3.62 -7.19
N ASN A 36 3.81 -2.96 -7.58
CA ASN A 36 4.63 -3.37 -8.74
C ASN A 36 5.20 -4.78 -8.50
N GLN A 37 5.70 -5.00 -7.27
CA GLN A 37 6.15 -6.30 -6.75
C GLN A 37 5.00 -7.34 -6.80
N HIS A 38 3.80 -6.89 -6.37
CA HIS A 38 2.62 -7.77 -6.19
C HIS A 38 2.04 -8.22 -7.54
N LEU A 39 2.09 -7.33 -8.56
CA LEU A 39 1.54 -7.60 -9.91
C LEU A 39 2.36 -8.66 -10.68
N MET A 40 3.55 -8.98 -10.14
CA MET A 40 4.41 -10.08 -10.64
C MET A 40 3.89 -11.46 -10.14
N ASN A 41 2.99 -11.42 -9.14
CA ASN A 41 2.41 -12.61 -8.50
C ASN A 41 0.88 -12.64 -8.76
N ASN A 42 0.13 -11.78 -8.03
CA ASN A 42 -1.34 -11.71 -8.09
C ASN A 42 -1.81 -10.25 -8.24
N LYS A 43 -3.12 -10.00 -8.11
CA LYS A 43 -3.71 -8.64 -8.17
C LYS A 43 -4.70 -8.43 -7.00
N ASP A 44 -4.42 -9.13 -5.89
CA ASP A 44 -5.23 -9.05 -4.65
C ASP A 44 -4.69 -7.94 -3.72
N CYS A 45 -5.54 -7.50 -2.77
CA CYS A 45 -5.22 -6.37 -1.86
C CYS A 45 -4.56 -6.86 -0.55
N PHE A 46 -3.39 -7.52 -0.72
CA PHE A 46 -2.44 -7.90 0.34
C PHE A 46 -3.10 -8.58 1.57
N PHE A 47 -3.49 -7.74 2.58
CA PHE A 47 -3.92 -8.22 3.90
C PHE A 47 -5.32 -8.84 3.83
N CYS A 48 -6.31 -8.06 3.34
CA CYS A 48 -7.70 -8.53 3.21
C CYS A 48 -7.86 -9.45 1.98
N LYS A 49 -6.91 -9.34 1.02
CA LYS A 49 -6.82 -10.16 -0.20
C LYS A 49 -7.98 -9.87 -1.23
N THR A 50 -8.87 -8.91 -0.93
CA THR A 50 -9.93 -8.49 -1.85
C THR A 50 -9.32 -8.02 -3.19
N THR A 51 -9.69 -8.65 -4.31
CA THR A 51 -9.10 -8.38 -5.64
C THR A 51 -9.32 -6.91 -6.05
N ILE A 52 -8.22 -6.25 -6.46
CA ILE A 52 -8.19 -4.83 -6.79
C ILE A 52 -8.70 -4.62 -8.23
N VAL A 53 -9.69 -3.72 -8.41
CA VAL A 53 -10.19 -3.34 -9.75
C VAL A 53 -9.16 -2.41 -10.42
N SER A 54 -8.73 -1.36 -9.68
CA SER A 54 -7.78 -0.37 -10.19
C SER A 54 -6.91 0.16 -9.04
N VAL A 55 -5.58 0.24 -9.28
CA VAL A 55 -4.62 0.82 -8.33
C VAL A 55 -4.33 2.26 -8.77
N GLU A 56 -4.92 3.21 -8.07
CA GLU A 56 -4.71 4.65 -8.31
C GLU A 56 -3.57 5.13 -7.42
N ASP A 57 -3.08 6.35 -7.66
CA ASP A 57 -2.13 7.01 -6.75
C ASP A 57 -2.91 7.65 -5.60
N TRP A 58 -2.29 7.75 -4.44
CA TRP A 58 -2.85 8.46 -3.29
C TRP A 58 -1.78 9.38 -2.71
N GLU A 59 -2.06 10.68 -2.76
CA GLU A 59 -1.25 11.69 -2.08
C GLU A 59 -2.12 12.36 -1.01
N LYS A 60 -1.62 12.34 0.23
CA LYS A 60 -2.24 12.99 1.39
C LYS A 60 -2.41 14.52 1.17
N GLY A 61 -3.42 15.12 1.83
CA GLY A 61 -3.72 16.54 1.70
C GLY A 61 -3.59 17.25 3.06
N SER A 1 0.65 -4.42 25.51
CA SER A 1 -0.10 -4.19 24.25
C SER A 1 -0.14 -2.70 23.86
N HIS A 2 0.35 -1.83 24.77
CA HIS A 2 0.37 -0.37 24.56
C HIS A 2 1.63 0.04 23.77
N MET A 3 1.43 0.87 22.73
CA MET A 3 2.53 1.44 21.92
C MET A 3 1.98 2.68 21.16
N PRO A 4 1.91 3.89 21.85
CA PRO A 4 1.48 5.15 21.21
C PRO A 4 2.46 5.61 20.12
N THR A 5 2.27 5.08 18.91
CA THR A 5 3.13 5.34 17.76
C THR A 5 2.61 6.60 17.01
N SER A 6 3.02 7.78 17.50
CA SER A 6 2.76 9.06 16.83
C SER A 6 3.70 9.18 15.62
N GLU A 7 3.21 8.77 14.44
CA GLU A 7 4.04 8.61 13.24
C GLU A 7 3.20 8.87 11.97
N GLU A 8 3.84 8.77 10.79
CA GLU A 8 3.23 9.11 9.49
C GLU A 8 2.32 7.96 8.97
N ASP A 9 1.52 8.27 7.92
CA ASP A 9 0.81 7.29 7.08
C ASP A 9 1.86 6.48 6.31
N LEU A 10 2.49 5.58 7.05
CA LEU A 10 3.53 4.68 6.52
C LEU A 10 2.90 3.51 5.78
N CYS A 11 3.66 2.99 4.81
CA CYS A 11 3.30 1.77 4.10
C CYS A 11 3.23 0.60 5.09
N PRO A 12 2.04 -0.04 5.31
CA PRO A 12 1.84 -1.07 6.37
C PRO A 12 2.67 -2.35 6.14
N ILE A 13 3.32 -2.44 4.96
CA ILE A 13 4.29 -3.50 4.63
C ILE A 13 5.72 -3.04 5.03
N CYS A 14 6.13 -1.86 4.53
CA CYS A 14 7.52 -1.37 4.66
C CYS A 14 7.78 -0.67 6.00
N TYR A 15 6.99 0.40 6.26
CA TYR A 15 7.15 1.36 7.39
C TYR A 15 8.32 2.34 7.16
N ALA A 16 9.42 1.87 6.53
CA ALA A 16 10.61 2.68 6.19
C ALA A 16 10.28 3.87 5.26
N HIS A 17 9.21 3.70 4.44
CA HIS A 17 8.70 4.75 3.52
C HIS A 17 7.14 4.81 3.61
N PRO A 18 6.51 6.00 3.29
CA PRO A 18 5.04 6.20 3.42
C PRO A 18 4.18 5.48 2.34
N ILE A 19 2.90 5.90 2.25
CA ILE A 19 1.95 5.42 1.24
C ILE A 19 2.11 6.22 -0.07
N SER A 20 1.82 5.58 -1.22
CA SER A 20 1.95 6.19 -2.57
C SER A 20 0.75 5.81 -3.47
N ALA A 21 0.12 4.65 -3.20
CA ALA A 21 -0.95 4.09 -4.03
C ALA A 21 -2.06 3.49 -3.14
N VAL A 22 -3.32 3.70 -3.56
CA VAL A 22 -4.50 3.12 -2.90
C VAL A 22 -5.03 1.92 -3.71
N PHE A 23 -5.46 0.88 -2.99
CA PHE A 23 -6.08 -0.33 -3.56
C PHE A 23 -7.58 -0.09 -3.67
N GLN A 24 -7.98 0.49 -4.81
CA GLN A 24 -9.36 0.94 -5.06
C GLN A 24 -10.23 -0.24 -5.58
N PRO A 25 -11.52 -0.38 -5.14
CA PRO A 25 -12.25 0.57 -4.23
C PRO A 25 -12.21 0.18 -2.73
N CYS A 26 -11.31 -0.75 -2.35
CA CYS A 26 -11.24 -1.31 -0.99
C CYS A 26 -10.99 -0.24 0.09
N GLY A 27 -9.86 0.47 -0.02
CA GLY A 27 -9.46 1.48 0.96
C GLY A 27 -8.09 1.22 1.57
N HIS A 28 -7.67 -0.08 1.64
CA HIS A 28 -6.29 -0.45 2.04
C HIS A 28 -5.28 0.25 1.11
N LYS A 29 -4.18 0.75 1.69
CA LYS A 29 -3.15 1.49 0.95
C LYS A 29 -1.76 0.92 1.24
N SER A 30 -0.77 1.40 0.47
CA SER A 30 0.65 1.00 0.56
C SER A 30 1.47 1.87 -0.41
N CYS A 31 2.80 1.68 -0.42
CA CYS A 31 3.66 2.34 -1.42
C CYS A 31 3.54 1.59 -2.75
N LYS A 32 3.79 2.31 -3.86
CA LYS A 32 3.59 1.78 -5.23
C LYS A 32 4.56 0.60 -5.52
N ALA A 33 5.75 0.65 -4.89
CA ALA A 33 6.78 -0.40 -5.03
C ALA A 33 6.25 -1.80 -4.64
N CYS A 34 5.51 -1.83 -3.51
CA CYS A 34 4.88 -3.07 -2.99
C CYS A 34 3.91 -3.68 -4.00
N ILE A 35 2.98 -2.86 -4.50
CA ILE A 35 1.90 -3.36 -5.36
C ILE A 35 2.42 -3.72 -6.77
N ASN A 36 3.42 -2.98 -7.28
CA ASN A 36 4.09 -3.31 -8.56
C ASN A 36 4.75 -4.70 -8.46
N GLN A 37 5.42 -4.95 -7.31
CA GLN A 37 6.05 -6.24 -6.99
C GLN A 37 4.98 -7.35 -6.83
N HIS A 38 3.82 -6.96 -6.29
CA HIS A 38 2.69 -7.88 -6.04
C HIS A 38 2.08 -8.34 -7.38
N LEU A 39 1.90 -7.37 -8.31
CA LEU A 39 1.26 -7.59 -9.63
C LEU A 39 2.10 -8.51 -10.54
N MET A 40 3.37 -8.73 -10.16
CA MET A 40 4.27 -9.70 -10.82
C MET A 40 3.77 -11.15 -10.64
N ASN A 41 2.85 -11.37 -9.67
CA ASN A 41 2.17 -12.66 -9.45
C ASN A 41 0.66 -12.46 -9.27
N ASN A 42 0.27 -11.81 -8.16
CA ASN A 42 -1.15 -11.67 -7.73
C ASN A 42 -1.66 -10.23 -7.96
N LYS A 43 -2.99 -10.06 -8.08
CA LYS A 43 -3.62 -8.73 -8.28
C LYS A 43 -4.51 -8.40 -7.06
N ASP A 44 -4.15 -9.00 -5.91
CA ASP A 44 -4.96 -8.92 -4.68
C ASP A 44 -4.53 -7.75 -3.79
N CYS A 45 -5.41 -7.39 -2.84
CA CYS A 45 -5.22 -6.25 -1.93
C CYS A 45 -4.55 -6.68 -0.61
N PHE A 46 -3.43 -7.43 -0.75
CA PHE A 46 -2.50 -7.81 0.35
C PHE A 46 -3.19 -8.49 1.56
N PHE A 47 -3.72 -7.65 2.47
CA PHE A 47 -4.23 -8.08 3.79
C PHE A 47 -5.56 -8.81 3.66
N CYS A 48 -6.59 -8.08 3.15
CA CYS A 48 -7.93 -8.66 2.95
C CYS A 48 -7.96 -9.58 1.70
N LYS A 49 -6.95 -9.39 0.81
CA LYS A 49 -6.73 -10.20 -0.43
C LYS A 49 -7.83 -10.02 -1.50
N THR A 50 -8.67 -8.98 -1.33
CA THR A 50 -9.70 -8.65 -2.33
C THR A 50 -9.03 -8.17 -3.63
N THR A 51 -9.36 -8.81 -4.78
CA THR A 51 -8.76 -8.43 -6.08
C THR A 51 -9.09 -6.97 -6.42
N ILE A 52 -8.01 -6.19 -6.63
CA ILE A 52 -8.07 -4.74 -6.84
C ILE A 52 -8.63 -4.43 -8.24
N VAL A 53 -9.58 -3.50 -8.32
CA VAL A 53 -10.18 -3.06 -9.59
C VAL A 53 -9.21 -2.10 -10.31
N SER A 54 -8.59 -1.18 -9.54
CA SER A 54 -7.58 -0.25 -10.06
C SER A 54 -6.60 0.18 -8.96
N VAL A 55 -5.30 0.16 -9.29
CA VAL A 55 -4.25 0.72 -8.44
C VAL A 55 -4.12 2.20 -8.81
N GLU A 56 -4.66 3.07 -7.94
CA GLU A 56 -4.77 4.51 -8.20
C GLU A 56 -3.66 5.24 -7.42
N ASP A 57 -3.06 6.25 -8.05
CA ASP A 57 -1.96 7.05 -7.49
C ASP A 57 -2.50 7.95 -6.36
N TRP A 58 -2.38 7.48 -5.11
CA TRP A 58 -2.90 8.19 -3.94
C TRP A 58 -1.88 9.26 -3.50
N GLU A 59 -2.37 10.49 -3.33
CA GLU A 59 -1.56 11.61 -2.87
C GLU A 59 -2.35 12.36 -1.77
N LYS A 60 -1.65 12.81 -0.72
CA LYS A 60 -2.24 13.54 0.42
C LYS A 60 -2.91 14.85 -0.02
N GLY A 61 -2.16 15.64 -0.82
CA GLY A 61 -2.58 16.98 -1.23
C GLY A 61 -1.90 18.08 -0.41
N SER A 1 17.51 -2.63 19.04
CA SER A 1 16.52 -2.64 17.93
C SER A 1 16.15 -1.20 17.55
N HIS A 2 16.50 -0.79 16.33
CA HIS A 2 16.21 0.56 15.81
C HIS A 2 14.89 0.51 15.02
N MET A 3 13.77 0.74 15.74
CA MET A 3 12.42 0.75 15.17
C MET A 3 11.51 1.73 15.97
N PRO A 4 11.61 3.08 15.71
CA PRO A 4 10.68 4.07 16.29
C PRO A 4 9.29 3.97 15.61
N THR A 5 8.23 3.72 16.42
CA THR A 5 6.86 3.57 15.92
C THR A 5 6.31 4.95 15.46
N SER A 6 6.67 5.31 14.22
CA SER A 6 6.32 6.58 13.60
C SER A 6 4.88 6.52 13.08
N GLU A 7 3.98 7.24 13.78
CA GLU A 7 2.54 7.24 13.49
C GLU A 7 2.22 8.20 12.32
N GLU A 8 2.49 7.72 11.11
CA GLU A 8 2.23 8.43 9.85
C GLU A 8 1.52 7.47 8.89
N ASP A 9 1.32 7.90 7.64
CA ASP A 9 0.82 7.02 6.57
C ASP A 9 1.99 6.26 5.93
N LEU A 10 2.76 5.56 6.80
CA LEU A 10 3.89 4.73 6.40
C LEU A 10 3.38 3.35 6.01
N CYS A 11 3.99 2.78 4.95
CA CYS A 11 3.63 1.46 4.41
C CYS A 11 3.78 0.38 5.50
N PRO A 12 2.68 -0.29 5.95
CA PRO A 12 2.71 -1.27 7.10
C PRO A 12 3.69 -2.45 6.87
N ILE A 13 3.99 -2.72 5.59
CA ILE A 13 4.93 -3.78 5.17
C ILE A 13 6.41 -3.31 5.30
N CYS A 14 6.68 -2.04 4.94
CA CYS A 14 8.06 -1.48 4.82
C CYS A 14 8.42 -0.60 6.02
N TYR A 15 7.54 0.39 6.28
CA TYR A 15 7.58 1.32 7.44
C TYR A 15 8.57 2.49 7.19
N ALA A 16 9.70 2.22 6.50
CA ALA A 16 10.72 3.24 6.19
C ALA A 16 10.22 4.22 5.11
N HIS A 17 9.39 3.72 4.18
CA HIS A 17 8.79 4.50 3.07
C HIS A 17 7.25 4.58 3.27
N PRO A 18 6.58 5.69 2.80
CA PRO A 18 5.15 5.91 3.04
C PRO A 18 4.25 5.11 2.09
N ILE A 19 2.97 5.50 2.04
CA ILE A 19 2.00 5.00 1.08
C ILE A 19 2.08 5.84 -0.20
N SER A 20 1.87 5.18 -1.36
CA SER A 20 1.90 5.83 -2.67
C SER A 20 0.65 5.46 -3.48
N ALA A 21 -0.04 4.35 -3.13
CA ALA A 21 -1.11 3.76 -3.96
C ALA A 21 -2.32 3.32 -3.11
N VAL A 22 -3.53 3.68 -3.60
CA VAL A 22 -4.83 3.22 -3.06
C VAL A 22 -5.45 2.19 -4.02
N PHE A 23 -6.07 1.15 -3.46
CA PHE A 23 -6.55 -0.02 -4.23
C PHE A 23 -8.08 0.04 -4.36
N GLN A 24 -8.54 0.62 -5.49
CA GLN A 24 -9.97 0.67 -5.83
C GLN A 24 -10.53 -0.73 -6.13
N PRO A 25 -11.82 -1.02 -5.75
CA PRO A 25 -12.75 -0.10 -5.03
C PRO A 25 -12.58 -0.10 -3.49
N CYS A 26 -11.65 -0.92 -2.96
CA CYS A 26 -11.55 -1.23 -1.51
C CYS A 26 -11.20 -0.01 -0.64
N GLY A 27 -10.04 0.62 -0.91
CA GLY A 27 -9.56 1.76 -0.12
C GLY A 27 -8.25 1.50 0.63
N HIS A 28 -7.85 0.20 0.77
CA HIS A 28 -6.55 -0.16 1.41
C HIS A 28 -5.38 0.36 0.58
N LYS A 29 -4.20 0.44 1.23
CA LYS A 29 -3.09 1.27 0.76
C LYS A 29 -1.72 0.71 1.19
N SER A 30 -0.73 0.88 0.29
CA SER A 30 0.70 0.61 0.57
C SER A 30 1.56 1.45 -0.40
N CYS A 31 2.89 1.29 -0.30
CA CYS A 31 3.83 2.02 -1.18
C CYS A 31 3.78 1.45 -2.61
N LYS A 32 4.30 2.24 -3.58
CA LYS A 32 4.38 1.86 -5.01
C LYS A 32 5.15 0.54 -5.19
N ALA A 33 6.26 0.41 -4.44
CA ALA A 33 7.18 -0.74 -4.51
C ALA A 33 6.47 -2.09 -4.26
N CYS A 34 5.60 -2.12 -3.21
CA CYS A 34 4.82 -3.32 -2.84
C CYS A 34 3.89 -3.73 -3.98
N ILE A 35 3.03 -2.79 -4.43
CA ILE A 35 1.97 -3.08 -5.41
C ILE A 35 2.54 -3.33 -6.83
N ASN A 36 3.70 -2.70 -7.13
CA ASN A 36 4.38 -2.88 -8.44
C ASN A 36 4.88 -4.33 -8.58
N GLN A 37 5.60 -4.79 -7.55
CA GLN A 37 6.13 -6.15 -7.45
C GLN A 37 4.99 -7.18 -7.23
N HIS A 38 3.88 -6.72 -6.64
CA HIS A 38 2.69 -7.56 -6.40
C HIS A 38 1.98 -7.87 -7.71
N LEU A 39 1.87 -6.86 -8.60
CA LEU A 39 1.18 -6.99 -9.91
C LEU A 39 2.02 -7.77 -10.94
N MET A 40 3.22 -8.22 -10.52
CA MET A 40 4.02 -9.22 -11.27
C MET A 40 3.48 -10.63 -10.98
N ASN A 41 3.02 -10.84 -9.73
CA ASN A 41 2.58 -12.15 -9.21
C ASN A 41 1.03 -12.20 -9.08
N ASN A 42 0.50 -11.50 -8.06
CA ASN A 42 -0.95 -11.49 -7.72
C ASN A 42 -1.61 -10.19 -8.22
N LYS A 43 -2.86 -9.96 -7.77
CA LYS A 43 -3.62 -8.72 -8.06
C LYS A 43 -4.59 -8.41 -6.91
N ASP A 44 -4.28 -8.94 -5.71
CA ASP A 44 -5.15 -8.85 -4.51
C ASP A 44 -4.74 -7.71 -3.58
N CYS A 45 -5.63 -7.37 -2.64
CA CYS A 45 -5.50 -6.18 -1.76
C CYS A 45 -4.79 -6.54 -0.43
N PHE A 46 -3.75 -7.41 -0.54
CA PHE A 46 -2.83 -7.78 0.55
C PHE A 46 -3.56 -8.35 1.81
N PHE A 47 -4.03 -7.45 2.70
CA PHE A 47 -4.50 -7.79 4.06
C PHE A 47 -5.92 -8.40 4.02
N CYS A 48 -6.92 -7.64 3.52
CA CYS A 48 -8.32 -8.14 3.43
C CYS A 48 -8.45 -9.19 2.32
N LYS A 49 -7.48 -9.17 1.36
CA LYS A 49 -7.36 -10.15 0.26
C LYS A 49 -8.60 -10.11 -0.66
N THR A 50 -9.12 -8.91 -0.91
CA THR A 50 -10.12 -8.67 -1.97
C THR A 50 -9.35 -8.36 -3.27
N THR A 51 -9.77 -8.93 -4.41
CA THR A 51 -9.10 -8.72 -5.69
C THR A 51 -9.27 -7.25 -6.16
N ILE A 52 -8.13 -6.55 -6.34
CA ILE A 52 -8.09 -5.13 -6.78
C ILE A 52 -8.59 -5.01 -8.23
N VAL A 53 -9.52 -4.06 -8.47
CA VAL A 53 -10.02 -3.76 -9.83
C VAL A 53 -9.11 -2.72 -10.50
N SER A 54 -8.68 -1.70 -9.72
CA SER A 54 -7.83 -0.60 -10.24
C SER A 54 -6.95 -0.03 -9.12
N VAL A 55 -5.69 0.29 -9.48
CA VAL A 55 -4.73 0.94 -8.57
C VAL A 55 -4.58 2.41 -8.98
N GLU A 56 -4.72 3.31 -8.00
CA GLU A 56 -4.58 4.77 -8.18
C GLU A 56 -3.42 5.29 -7.31
N ASP A 57 -2.84 6.44 -7.67
CA ASP A 57 -1.79 7.11 -6.87
C ASP A 57 -2.47 7.91 -5.75
N TRP A 58 -2.34 7.44 -4.50
CA TRP A 58 -2.90 8.13 -3.34
C TRP A 58 -1.93 9.22 -2.84
N GLU A 59 -2.29 10.48 -3.09
CA GLU A 59 -1.52 11.64 -2.61
C GLU A 59 -2.34 12.40 -1.56
N LYS A 60 -1.85 12.38 -0.31
CA LYS A 60 -2.49 13.04 0.83
C LYS A 60 -2.18 14.56 0.81
N GLY A 61 -3.24 15.38 0.67
CA GLY A 61 -3.10 16.85 0.78
C GLY A 61 -3.05 17.33 2.24
N SER A 1 13.59 1.47 19.08
CA SER A 1 14.93 2.07 18.89
C SER A 1 14.83 3.47 18.26
N HIS A 2 13.87 3.64 17.34
CA HIS A 2 13.73 4.86 16.52
C HIS A 2 12.85 5.91 17.25
N MET A 3 13.41 7.11 17.44
CA MET A 3 12.71 8.26 18.04
C MET A 3 11.69 8.87 17.04
N PRO A 4 10.50 9.39 17.54
CA PRO A 4 9.37 9.86 16.69
C PRO A 4 9.77 10.91 15.62
N THR A 5 10.09 10.41 14.41
CA THR A 5 10.34 11.21 13.20
C THR A 5 9.66 10.52 12.00
N SER A 6 9.81 9.17 11.95
CA SER A 6 9.11 8.32 11.00
C SER A 6 7.63 8.22 11.41
N GLU A 7 6.83 9.16 10.86
CA GLU A 7 5.39 9.29 11.17
C GLU A 7 4.64 8.02 10.76
N GLU A 8 3.80 7.49 11.67
CA GLU A 8 3.24 6.11 11.59
C GLU A 8 2.14 5.94 10.49
N ASP A 9 2.13 6.84 9.49
CA ASP A 9 1.33 6.69 8.26
C ASP A 9 2.03 5.72 7.26
N LEU A 10 3.20 5.19 7.66
CA LEU A 10 4.06 4.36 6.81
C LEU A 10 3.38 3.04 6.39
N CYS A 11 3.73 2.56 5.19
CA CYS A 11 3.40 1.21 4.70
C CYS A 11 3.98 0.16 5.68
N PRO A 12 3.15 -0.58 6.50
CA PRO A 12 3.66 -1.49 7.58
C PRO A 12 4.45 -2.71 7.04
N ILE A 13 4.33 -2.94 5.71
CA ILE A 13 5.10 -3.97 4.99
C ILE A 13 6.62 -3.60 4.94
N CYS A 14 6.92 -2.29 5.07
CA CYS A 14 8.27 -1.71 4.84
C CYS A 14 8.70 -0.81 6.01
N TYR A 15 7.83 0.19 6.30
CA TYR A 15 7.97 1.20 7.38
C TYR A 15 9.03 2.26 6.99
N ALA A 16 9.16 2.47 5.66
CA ALA A 16 10.11 3.45 5.07
C ALA A 16 9.39 4.73 4.57
N HIS A 17 8.33 4.57 3.76
CA HIS A 17 7.61 5.68 3.07
C HIS A 17 6.11 5.67 3.48
N PRO A 18 5.47 6.88 3.68
CA PRO A 18 4.10 7.01 4.23
C PRO A 18 2.96 6.86 3.18
N ILE A 19 3.07 5.81 2.33
CA ILE A 19 2.04 5.38 1.35
C ILE A 19 1.83 6.41 0.21
N SER A 20 1.57 5.90 -1.02
CA SER A 20 1.27 6.74 -2.19
C SER A 20 0.43 5.96 -3.23
N ALA A 21 -0.23 4.87 -2.81
CA ALA A 21 -1.13 4.08 -3.68
C ALA A 21 -2.38 3.66 -2.89
N VAL A 22 -3.57 3.86 -3.48
CA VAL A 22 -4.85 3.38 -2.92
C VAL A 22 -5.42 2.29 -3.85
N PHE A 23 -5.85 1.17 -3.25
CA PHE A 23 -6.42 0.03 -3.98
C PHE A 23 -7.92 0.24 -4.16
N GLN A 24 -8.25 0.89 -5.28
CA GLN A 24 -9.61 1.25 -5.65
C GLN A 24 -10.39 -0.02 -6.10
N PRO A 25 -11.68 -0.21 -5.68
CA PRO A 25 -12.43 0.68 -4.75
C PRO A 25 -12.44 0.19 -3.28
N CYS A 26 -11.49 -0.68 -2.89
CA CYS A 26 -11.46 -1.29 -1.54
C CYS A 26 -11.27 -0.24 -0.43
N GLY A 27 -10.09 0.43 -0.41
CA GLY A 27 -9.77 1.43 0.62
C GLY A 27 -8.42 1.19 1.30
N HIS A 28 -7.95 -0.09 1.31
CA HIS A 28 -6.58 -0.42 1.76
C HIS A 28 -5.55 0.24 0.83
N LYS A 29 -4.41 0.62 1.40
CA LYS A 29 -3.36 1.39 0.70
C LYS A 29 -1.98 0.78 0.96
N SER A 30 -0.96 1.24 0.21
CA SER A 30 0.45 0.79 0.36
C SER A 30 1.39 1.70 -0.45
N CYS A 31 2.71 1.41 -0.34
CA CYS A 31 3.75 2.11 -1.11
C CYS A 31 3.81 1.50 -2.53
N LYS A 32 4.27 2.31 -3.51
CA LYS A 32 4.25 1.97 -4.96
C LYS A 32 5.02 0.65 -5.26
N ALA A 33 6.17 0.48 -4.58
CA ALA A 33 7.08 -0.66 -4.79
C ALA A 33 6.44 -2.01 -4.40
N CYS A 34 5.60 -1.99 -3.34
CA CYS A 34 4.85 -3.18 -2.86
C CYS A 34 3.95 -3.74 -3.96
N ILE A 35 3.06 -2.88 -4.46
CA ILE A 35 2.01 -3.28 -5.40
C ILE A 35 2.57 -3.52 -6.82
N ASN A 36 3.62 -2.77 -7.20
CA ASN A 36 4.30 -2.94 -8.51
C ASN A 36 4.93 -4.34 -8.61
N GLN A 37 5.54 -4.79 -7.50
CA GLN A 37 6.13 -6.13 -7.39
C GLN A 37 5.02 -7.20 -7.20
N HIS A 38 3.95 -6.83 -6.47
CA HIS A 38 2.86 -7.76 -6.11
C HIS A 38 2.07 -8.18 -7.35
N LEU A 39 1.78 -7.22 -8.25
CA LEU A 39 0.96 -7.44 -9.48
C LEU A 39 1.59 -8.50 -10.42
N MET A 40 2.90 -8.70 -10.28
CA MET A 40 3.65 -9.72 -11.04
C MET A 40 3.23 -11.14 -10.60
N ASN A 41 2.85 -11.29 -9.31
CA ASN A 41 2.41 -12.56 -8.71
C ASN A 41 0.86 -12.59 -8.60
N ASN A 42 0.30 -11.73 -7.72
CA ASN A 42 -1.17 -11.63 -7.48
C ASN A 42 -1.68 -10.20 -7.69
N LYS A 43 -2.98 -10.06 -7.98
CA LYS A 43 -3.65 -8.75 -8.14
C LYS A 43 -4.46 -8.40 -6.88
N ASP A 44 -4.15 -9.09 -5.77
CA ASP A 44 -4.97 -9.06 -4.55
C ASP A 44 -4.55 -7.91 -3.60
N CYS A 45 -5.52 -7.43 -2.81
CA CYS A 45 -5.33 -6.29 -1.89
C CYS A 45 -4.83 -6.77 -0.51
N PHE A 46 -3.66 -7.44 -0.54
CA PHE A 46 -2.84 -7.87 0.62
C PHE A 46 -3.65 -8.46 1.81
N PHE A 47 -4.13 -7.55 2.69
CA PHE A 47 -4.65 -7.90 4.03
C PHE A 47 -6.03 -8.58 3.93
N CYS A 48 -6.86 -8.10 2.99
CA CYS A 48 -8.21 -8.65 2.75
C CYS A 48 -8.22 -9.56 1.51
N LYS A 49 -7.12 -9.49 0.72
CA LYS A 49 -6.93 -10.21 -0.57
C LYS A 49 -8.06 -9.96 -1.60
N THR A 50 -8.86 -8.89 -1.41
CA THR A 50 -9.91 -8.50 -2.37
C THR A 50 -9.23 -8.07 -3.67
N THR A 51 -9.47 -8.80 -4.76
CA THR A 51 -8.79 -8.57 -6.05
C THR A 51 -9.06 -7.15 -6.57
N ILE A 52 -7.97 -6.37 -6.66
CA ILE A 52 -8.00 -4.93 -6.96
C ILE A 52 -8.49 -4.67 -8.39
N VAL A 53 -9.50 -3.81 -8.53
CA VAL A 53 -10.08 -3.45 -9.83
C VAL A 53 -9.19 -2.39 -10.51
N SER A 54 -8.72 -1.41 -9.71
CA SER A 54 -7.82 -0.35 -10.18
C SER A 54 -6.85 0.05 -9.06
N VAL A 55 -5.55 0.16 -9.37
CA VAL A 55 -4.55 0.67 -8.43
C VAL A 55 -4.31 2.15 -8.75
N GLU A 56 -4.87 3.05 -7.92
CA GLU A 56 -4.76 4.49 -8.14
C GLU A 56 -3.55 5.05 -7.40
N ASP A 57 -2.90 6.04 -8.02
CA ASP A 57 -1.80 6.80 -7.42
C ASP A 57 -2.40 7.81 -6.41
N TRP A 58 -2.19 7.54 -5.12
CA TRP A 58 -2.76 8.34 -4.02
C TRP A 58 -1.77 9.45 -3.59
N GLU A 59 -2.27 10.69 -3.53
CA GLU A 59 -1.53 11.82 -2.94
C GLU A 59 -1.84 11.87 -1.43
N LYS A 60 -0.78 11.80 -0.60
CA LYS A 60 -0.92 11.83 0.86
C LYS A 60 -0.98 13.28 1.37
N GLY A 61 0.04 14.05 1.01
CA GLY A 61 0.34 15.32 1.66
C GLY A 61 1.50 15.14 2.64
N SER A 1 13.23 -0.34 20.91
CA SER A 1 13.64 0.76 20.01
C SER A 1 12.66 1.94 20.15
N HIS A 2 13.08 3.01 20.84
CA HIS A 2 12.35 4.29 20.86
C HIS A 2 12.51 4.96 19.49
N MET A 3 11.60 4.60 18.57
CA MET A 3 11.68 4.98 17.14
C MET A 3 11.33 6.47 16.98
N PRO A 4 12.32 7.34 16.57
CA PRO A 4 12.14 8.80 16.52
C PRO A 4 11.24 9.30 15.36
N THR A 5 10.85 8.39 14.43
CA THR A 5 10.02 8.74 13.27
C THR A 5 8.58 9.12 13.73
N SER A 6 8.34 10.44 13.83
CA SER A 6 7.04 11.00 14.22
C SER A 6 6.00 10.91 13.07
N GLU A 7 6.47 10.44 11.89
CA GLU A 7 5.61 10.11 10.75
C GLU A 7 4.98 8.73 10.98
N GLU A 8 3.63 8.68 10.93
CA GLU A 8 2.84 7.46 11.24
C GLU A 8 1.93 7.07 10.04
N ASP A 9 2.11 7.75 8.88
CA ASP A 9 1.40 7.39 7.62
C ASP A 9 2.14 6.28 6.86
N LEU A 10 2.89 5.45 7.60
CA LEU A 10 3.87 4.52 7.03
C LEU A 10 3.19 3.35 6.31
N CYS A 11 3.74 2.96 5.13
CA CYS A 11 3.33 1.75 4.40
C CYS A 11 3.54 0.52 5.32
N PRO A 12 2.47 -0.23 5.73
CA PRO A 12 2.57 -1.32 6.76
C PRO A 12 3.68 -2.39 6.45
N ILE A 13 3.93 -2.59 5.16
CA ILE A 13 4.91 -3.58 4.65
C ILE A 13 6.36 -3.08 4.82
N CYS A 14 6.57 -1.76 4.60
CA CYS A 14 7.93 -1.17 4.45
C CYS A 14 8.36 -0.36 5.68
N TYR A 15 7.43 0.49 6.15
CA TYR A 15 7.61 1.47 7.25
C TYR A 15 8.39 2.72 6.79
N ALA A 16 9.56 2.50 6.17
CA ALA A 16 10.54 3.57 5.85
C ALA A 16 10.05 4.59 4.78
N HIS A 17 8.87 4.34 4.17
CA HIS A 17 8.21 5.30 3.25
C HIS A 17 6.70 5.37 3.58
N PRO A 18 6.11 6.61 3.68
CA PRO A 18 4.71 6.81 4.13
C PRO A 18 3.65 6.70 2.99
N ILE A 19 3.44 5.46 2.50
CA ILE A 19 2.40 5.13 1.46
C ILE A 19 2.71 5.89 0.11
N SER A 20 1.98 5.55 -0.98
CA SER A 20 2.05 6.28 -2.27
C SER A 20 0.75 6.04 -3.07
N ALA A 21 0.22 4.81 -2.98
CA ALA A 21 -0.94 4.36 -3.76
C ALA A 21 -2.03 3.76 -2.85
N VAL A 22 -3.19 3.48 -3.44
CA VAL A 22 -4.36 2.91 -2.74
C VAL A 22 -5.06 1.90 -3.66
N PHE A 23 -5.51 0.78 -3.07
CA PHE A 23 -6.17 -0.32 -3.76
C PHE A 23 -7.67 -0.04 -3.83
N GLN A 24 -8.09 0.52 -4.96
CA GLN A 24 -9.46 0.97 -5.19
C GLN A 24 -10.29 -0.15 -5.87
N PRO A 25 -11.63 -0.30 -5.58
CA PRO A 25 -12.40 0.53 -4.61
C PRO A 25 -12.49 -0.07 -3.18
N CYS A 26 -11.40 -0.70 -2.71
CA CYS A 26 -11.32 -1.24 -1.32
C CYS A 26 -11.12 -0.11 -0.29
N GLY A 27 -9.87 0.39 -0.16
CA GLY A 27 -9.52 1.37 0.89
C GLY A 27 -8.14 1.12 1.50
N HIS A 28 -7.65 -0.14 1.46
CA HIS A 28 -6.27 -0.48 1.90
C HIS A 28 -5.23 0.27 1.05
N LYS A 29 -4.21 0.80 1.72
CA LYS A 29 -3.18 1.64 1.10
C LYS A 29 -1.79 1.04 1.34
N SER A 30 -0.88 1.35 0.43
CA SER A 30 0.51 0.88 0.43
C SER A 30 1.31 1.77 -0.53
N CYS A 31 2.55 1.39 -0.86
CA CYS A 31 3.41 2.18 -1.77
C CYS A 31 3.43 1.56 -3.18
N LYS A 32 3.91 2.35 -4.18
CA LYS A 32 4.01 1.94 -5.60
C LYS A 32 4.84 0.64 -5.75
N ALA A 33 5.95 0.57 -4.99
CA ALA A 33 6.89 -0.57 -5.03
C ALA A 33 6.23 -1.90 -4.64
N CYS A 34 5.41 -1.88 -3.57
CA CYS A 34 4.69 -3.07 -3.03
C CYS A 34 3.76 -3.69 -4.09
N ILE A 35 2.88 -2.87 -4.67
CA ILE A 35 1.83 -3.35 -5.60
C ILE A 35 2.46 -3.79 -6.95
N ASN A 36 3.47 -3.03 -7.42
CA ASN A 36 4.20 -3.35 -8.66
C ASN A 36 4.93 -4.71 -8.55
N GLN A 37 5.43 -4.99 -7.32
CA GLN A 37 6.08 -6.26 -6.98
C GLN A 37 5.05 -7.40 -6.85
N HIS A 38 3.90 -7.07 -6.23
CA HIS A 38 2.81 -8.03 -5.94
C HIS A 38 2.15 -8.57 -7.23
N LEU A 39 1.98 -7.68 -8.21
CA LEU A 39 1.29 -7.98 -9.49
C LEU A 39 2.00 -9.08 -10.33
N MET A 40 3.28 -9.34 -9.98
CA MET A 40 4.06 -10.43 -10.59
C MET A 40 3.51 -11.81 -10.18
N ASN A 41 2.94 -11.91 -8.98
CA ASN A 41 2.36 -13.17 -8.47
C ASN A 41 0.82 -13.10 -8.54
N ASN A 42 0.19 -12.22 -7.70
CA ASN A 42 -1.28 -12.12 -7.59
C ASN A 42 -1.76 -10.70 -7.93
N LYS A 43 -3.10 -10.54 -8.07
CA LYS A 43 -3.73 -9.23 -8.38
C LYS A 43 -4.54 -8.72 -7.15
N ASP A 44 -4.34 -9.40 -6.01
CA ASP A 44 -5.19 -9.23 -4.80
C ASP A 44 -4.74 -8.06 -3.91
N CYS A 45 -5.64 -7.63 -3.01
CA CYS A 45 -5.41 -6.48 -2.11
C CYS A 45 -4.81 -6.92 -0.77
N PHE A 46 -3.61 -7.53 -0.87
CA PHE A 46 -2.66 -7.77 0.25
C PHE A 46 -3.32 -8.38 1.51
N PHE A 47 -3.93 -7.49 2.33
CA PHE A 47 -4.44 -7.81 3.67
C PHE A 47 -5.79 -8.55 3.59
N CYS A 48 -6.71 -8.04 2.76
CA CYS A 48 -8.09 -8.60 2.62
C CYS A 48 -8.21 -9.49 1.36
N LYS A 49 -7.14 -9.49 0.52
CA LYS A 49 -7.03 -10.34 -0.69
C LYS A 49 -8.16 -10.09 -1.74
N THR A 50 -8.82 -8.93 -1.68
CA THR A 50 -9.83 -8.54 -2.69
C THR A 50 -9.12 -8.18 -4.00
N THR A 51 -9.51 -8.83 -5.11
CA THR A 51 -8.89 -8.60 -6.42
C THR A 51 -9.06 -7.12 -6.84
N ILE A 52 -7.93 -6.41 -6.94
CA ILE A 52 -7.87 -4.96 -7.16
C ILE A 52 -8.32 -4.59 -8.57
N VAL A 53 -9.31 -3.70 -8.67
CA VAL A 53 -9.88 -3.27 -9.95
C VAL A 53 -9.04 -2.09 -10.51
N SER A 54 -8.64 -1.16 -9.62
CA SER A 54 -7.79 0.00 -9.99
C SER A 54 -6.89 0.37 -8.81
N VAL A 55 -5.66 0.84 -9.10
CA VAL A 55 -4.71 1.34 -8.09
C VAL A 55 -4.49 2.84 -8.33
N GLU A 56 -5.08 3.70 -7.49
CA GLU A 56 -4.95 5.16 -7.61
C GLU A 56 -3.72 5.65 -6.82
N ASP A 57 -3.03 6.67 -7.36
CA ASP A 57 -1.94 7.33 -6.65
C ASP A 57 -2.53 8.22 -5.54
N TRP A 58 -2.42 7.74 -4.29
CA TRP A 58 -2.91 8.46 -3.11
C TRP A 58 -1.96 9.66 -2.82
N GLU A 59 -2.34 10.83 -3.35
CA GLU A 59 -1.67 12.10 -3.07
C GLU A 59 -2.26 12.66 -1.76
N LYS A 60 -1.41 12.79 -0.73
CA LYS A 60 -1.84 13.16 0.64
C LYS A 60 -2.30 14.62 0.74
N GLY A 61 -1.93 15.44 -0.25
CA GLY A 61 -2.33 16.85 -0.34
C GLY A 61 -1.28 17.69 -1.07
N SER A 1 13.17 -3.95 10.55
CA SER A 1 12.82 -3.30 11.83
C SER A 1 11.30 -3.21 11.97
N HIS A 2 10.76 -3.83 13.04
CA HIS A 2 9.32 -3.81 13.36
C HIS A 2 8.96 -2.62 14.27
N MET A 3 9.96 -1.78 14.60
CA MET A 3 9.81 -0.70 15.61
C MET A 3 9.94 0.70 14.96
N PRO A 4 8.80 1.36 14.55
CA PRO A 4 8.79 2.77 14.15
C PRO A 4 8.55 3.71 15.35
N THR A 5 8.45 5.02 15.08
CA THR A 5 8.20 6.04 16.13
C THR A 5 7.37 7.20 15.57
N SER A 6 7.73 7.64 14.35
CA SER A 6 7.07 8.74 13.66
C SER A 6 6.13 8.19 12.57
N GLU A 7 4.94 7.75 12.99
CA GLU A 7 3.92 7.20 12.08
C GLU A 7 3.33 8.34 11.21
N GLU A 8 3.91 8.52 10.02
CA GLU A 8 3.51 9.58 9.07
C GLU A 8 2.99 8.94 7.77
N ASP A 9 1.80 8.31 7.88
CA ASP A 9 1.16 7.51 6.80
C ASP A 9 2.10 6.40 6.31
N LEU A 10 2.93 5.86 7.22
CA LEU A 10 3.95 4.88 6.86
C LEU A 10 3.31 3.57 6.34
N CYS A 11 3.77 3.14 5.15
CA CYS A 11 3.40 1.84 4.56
C CYS A 11 3.68 0.72 5.57
N PRO A 12 2.63 0.06 6.16
CA PRO A 12 2.81 -0.94 7.27
C PRO A 12 3.75 -2.10 6.89
N ILE A 13 3.75 -2.45 5.60
CA ILE A 13 4.56 -3.54 5.03
C ILE A 13 6.08 -3.21 5.10
N CYS A 14 6.43 -1.94 4.85
CA CYS A 14 7.84 -1.50 4.68
C CYS A 14 8.35 -0.69 5.88
N TYR A 15 7.42 -0.06 6.63
CA TYR A 15 7.68 0.92 7.71
C TYR A 15 8.29 2.25 7.20
N ALA A 16 9.46 2.18 6.56
CA ALA A 16 10.33 3.35 6.28
C ALA A 16 9.67 4.46 5.41
N HIS A 17 8.97 4.06 4.34
CA HIS A 17 8.36 5.00 3.36
C HIS A 17 6.84 5.08 3.59
N PRO A 18 6.19 6.25 3.28
CA PRO A 18 4.74 6.44 3.49
C PRO A 18 3.86 5.71 2.43
N ILE A 19 2.58 6.12 2.38
CA ILE A 19 1.63 5.64 1.36
C ILE A 19 1.87 6.40 0.04
N SER A 20 1.94 5.64 -1.06
CA SER A 20 2.15 6.16 -2.42
C SER A 20 1.08 5.60 -3.38
N ALA A 21 0.24 4.67 -2.88
CA ALA A 21 -0.78 3.97 -3.69
C ALA A 21 -1.98 3.57 -2.85
N VAL A 22 -3.11 3.37 -3.52
CA VAL A 22 -4.37 2.94 -2.92
C VAL A 22 -5.02 1.86 -3.81
N PHE A 23 -5.26 0.69 -3.21
CA PHE A 23 -5.91 -0.46 -3.88
C PHE A 23 -7.41 -0.16 -4.02
N GLN A 24 -7.78 0.53 -5.09
CA GLN A 24 -9.16 0.98 -5.31
C GLN A 24 -10.00 -0.09 -6.03
N PRO A 25 -11.33 -0.19 -5.72
CA PRO A 25 -12.06 0.72 -4.77
C PRO A 25 -12.09 0.20 -3.30
N CYS A 26 -11.18 -0.74 -2.96
CA CYS A 26 -11.20 -1.41 -1.64
C CYS A 26 -10.72 -0.47 -0.51
N GLY A 27 -9.87 0.50 -0.86
CA GLY A 27 -9.42 1.54 0.09
C GLY A 27 -8.15 1.17 0.84
N HIS A 28 -7.77 -0.12 0.84
CA HIS A 28 -6.51 -0.60 1.44
C HIS A 28 -5.30 0.04 0.75
N LYS A 29 -4.49 0.79 1.51
CA LYS A 29 -3.36 1.56 0.97
C LYS A 29 -2.01 0.96 1.38
N SER A 30 -0.98 1.33 0.60
CA SER A 30 0.42 1.01 0.86
C SER A 30 1.28 1.90 -0.07
N CYS A 31 2.57 1.56 -0.24
CA CYS A 31 3.42 2.22 -1.24
C CYS A 31 3.25 1.51 -2.59
N LYS A 32 3.50 2.24 -3.70
CA LYS A 32 3.29 1.73 -5.07
C LYS A 32 4.30 0.61 -5.39
N ALA A 33 5.49 0.67 -4.73
CA ALA A 33 6.54 -0.37 -4.85
C ALA A 33 6.03 -1.77 -4.44
N CYS A 34 5.21 -1.80 -3.35
CA CYS A 34 4.58 -3.05 -2.85
C CYS A 34 3.76 -3.73 -3.95
N ILE A 35 2.78 -2.99 -4.46
CA ILE A 35 1.81 -3.53 -5.42
C ILE A 35 2.43 -3.72 -6.82
N ASN A 36 3.53 -2.99 -7.11
CA ASN A 36 4.26 -3.11 -8.39
C ASN A 36 4.87 -4.53 -8.52
N GLN A 37 5.43 -5.02 -7.41
CA GLN A 37 6.01 -6.38 -7.31
C GLN A 37 4.88 -7.44 -7.22
N HIS A 38 3.77 -7.06 -6.55
CA HIS A 38 2.61 -7.94 -6.32
C HIS A 38 1.88 -8.27 -7.64
N LEU A 39 1.74 -7.26 -8.52
CA LEU A 39 1.02 -7.38 -9.81
C LEU A 39 1.80 -8.19 -10.87
N MET A 40 3.01 -8.66 -10.50
CA MET A 40 3.82 -9.55 -11.36
C MET A 40 3.22 -10.99 -11.40
N ASN A 41 2.29 -11.28 -10.46
CA ASN A 41 1.54 -12.55 -10.43
C ASN A 41 0.14 -12.32 -9.82
N ASN A 42 0.13 -11.79 -8.58
CA ASN A 42 -1.10 -11.58 -7.78
C ASN A 42 -1.83 -10.29 -8.23
N LYS A 43 -3.05 -10.05 -7.70
CA LYS A 43 -3.89 -8.90 -8.11
C LYS A 43 -4.93 -8.61 -7.01
N ASP A 44 -4.43 -8.42 -5.78
CA ASP A 44 -5.28 -8.31 -4.57
C ASP A 44 -4.56 -7.51 -3.47
N CYS A 45 -5.28 -7.24 -2.37
CA CYS A 45 -4.70 -6.65 -1.17
C CYS A 45 -3.80 -7.67 -0.46
N PHE A 46 -2.63 -7.22 0.00
CA PHE A 46 -1.78 -8.01 0.91
C PHE A 46 -2.56 -8.36 2.20
N PHE A 47 -3.40 -7.39 2.62
CA PHE A 47 -4.14 -7.42 3.90
C PHE A 47 -5.36 -8.37 3.83
N CYS A 48 -6.44 -7.93 3.15
CA CYS A 48 -7.75 -8.62 3.17
C CYS A 48 -7.90 -9.65 2.02
N LYS A 49 -6.92 -9.64 1.07
CA LYS A 49 -6.88 -10.58 -0.08
C LYS A 49 -8.06 -10.33 -1.09
N THR A 50 -8.69 -9.14 -1.01
CA THR A 50 -9.74 -8.71 -1.97
C THR A 50 -9.10 -8.23 -3.29
N THR A 51 -9.62 -8.77 -4.41
CA THR A 51 -9.15 -8.45 -5.77
C THR A 51 -9.32 -6.94 -6.08
N ILE A 52 -8.27 -6.33 -6.66
CA ILE A 52 -8.24 -4.90 -6.97
C ILE A 52 -8.72 -4.67 -8.42
N VAL A 53 -9.58 -3.66 -8.61
CA VAL A 53 -10.03 -3.24 -9.95
C VAL A 53 -8.95 -2.35 -10.60
N SER A 54 -8.43 -1.38 -9.82
CA SER A 54 -7.38 -0.45 -10.28
C SER A 54 -6.66 0.17 -9.07
N VAL A 55 -5.32 0.21 -9.13
CA VAL A 55 -4.48 0.82 -8.09
C VAL A 55 -4.11 2.24 -8.52
N GLU A 56 -4.75 3.23 -7.90
CA GLU A 56 -4.46 4.64 -8.13
C GLU A 56 -3.30 5.07 -7.22
N ASP A 57 -2.41 5.95 -7.71
CA ASP A 57 -1.36 6.55 -6.86
C ASP A 57 -2.05 7.54 -5.91
N TRP A 58 -1.86 7.35 -4.59
CA TRP A 58 -2.60 8.11 -3.58
C TRP A 58 -2.11 9.57 -3.52
N GLU A 59 -2.97 10.48 -4.02
CA GLU A 59 -2.78 11.92 -3.87
C GLU A 59 -3.16 12.34 -2.44
N LYS A 60 -2.53 13.42 -1.94
CA LYS A 60 -2.70 13.88 -0.56
C LYS A 60 -3.72 15.02 -0.47
N GLY A 61 -4.04 15.65 -1.62
CA GLY A 61 -5.04 16.72 -1.68
C GLY A 61 -4.51 18.08 -1.20
N SER A 1 2.69 -1.52 14.26
CA SER A 1 3.51 -2.72 14.61
C SER A 1 4.29 -2.47 15.91
N HIS A 2 4.77 -3.55 16.55
CA HIS A 2 5.61 -3.45 17.76
C HIS A 2 7.01 -2.95 17.37
N MET A 3 7.14 -1.61 17.31
CA MET A 3 8.40 -0.93 16.98
C MET A 3 8.31 0.54 17.49
N PRO A 4 9.02 0.88 18.62
CA PRO A 4 9.10 2.28 19.12
C PRO A 4 9.80 3.20 18.10
N THR A 5 8.98 3.97 17.36
CA THR A 5 9.44 4.96 16.36
C THR A 5 8.30 5.94 16.00
N SER A 6 7.04 5.45 16.06
CA SER A 6 5.81 6.26 15.82
C SER A 6 5.72 6.75 14.37
N GLU A 7 5.03 5.97 13.52
CA GLU A 7 4.82 6.27 12.10
C GLU A 7 3.66 7.28 11.93
N GLU A 8 3.72 8.07 10.84
CA GLU A 8 2.61 8.96 10.41
C GLU A 8 1.84 8.25 9.27
N ASP A 9 1.36 7.03 9.57
CA ASP A 9 0.68 6.13 8.62
C ASP A 9 1.61 5.82 7.42
N LEU A 10 2.78 5.26 7.76
CA LEU A 10 3.76 4.78 6.76
C LEU A 10 3.33 3.40 6.24
N CYS A 11 3.88 3.00 5.09
CA CYS A 11 3.53 1.73 4.42
C CYS A 11 3.70 0.51 5.39
N PRO A 12 2.61 -0.28 5.67
CA PRO A 12 2.64 -1.37 6.70
C PRO A 12 3.72 -2.45 6.43
N ILE A 13 4.05 -2.60 5.15
CA ILE A 13 5.06 -3.54 4.66
C ILE A 13 6.49 -2.97 4.92
N CYS A 14 6.68 -1.68 4.55
CA CYS A 14 8.01 -1.07 4.43
C CYS A 14 8.40 -0.32 5.71
N TYR A 15 7.57 0.69 6.09
CA TYR A 15 7.81 1.66 7.19
C TYR A 15 8.86 2.74 6.83
N ALA A 16 9.94 2.38 6.12
CA ALA A 16 11.01 3.34 5.75
C ALA A 16 10.54 4.34 4.67
N HIS A 17 9.34 4.11 4.09
CA HIS A 17 8.71 5.01 3.10
C HIS A 17 7.17 5.04 3.36
N PRO A 18 6.45 6.15 2.99
CA PRO A 18 5.00 6.30 3.25
C PRO A 18 4.10 5.54 2.25
N ILE A 19 2.83 5.96 2.16
CA ILE A 19 1.85 5.42 1.21
C ILE A 19 1.74 6.35 -0.02
N SER A 20 1.75 5.73 -1.22
CA SER A 20 1.66 6.44 -2.51
C SER A 20 0.70 5.69 -3.47
N ALA A 21 -0.14 4.80 -2.92
CA ALA A 21 -1.06 3.96 -3.71
C ALA A 21 -2.29 3.57 -2.89
N VAL A 22 -3.47 3.54 -3.54
CA VAL A 22 -4.71 3.05 -2.94
C VAL A 22 -5.30 1.94 -3.82
N PHE A 23 -5.70 0.85 -3.17
CA PHE A 23 -6.27 -0.34 -3.81
C PHE A 23 -7.79 -0.13 -3.96
N GLN A 24 -8.18 0.44 -5.11
CA GLN A 24 -9.55 0.89 -5.38
C GLN A 24 -10.43 -0.30 -5.84
N PRO A 25 -11.74 -0.38 -5.42
CA PRO A 25 -12.40 0.57 -4.49
C PRO A 25 -12.44 0.08 -3.03
N CYS A 26 -11.49 -0.81 -2.67
CA CYS A 26 -11.43 -1.44 -1.33
C CYS A 26 -11.19 -0.40 -0.23
N GLY A 27 -10.09 0.38 -0.37
CA GLY A 27 -9.73 1.40 0.62
C GLY A 27 -8.41 1.14 1.30
N HIS A 28 -7.97 -0.15 1.36
CA HIS A 28 -6.61 -0.51 1.84
C HIS A 28 -5.55 0.19 0.97
N LYS A 29 -4.47 0.65 1.61
CA LYS A 29 -3.42 1.44 0.94
C LYS A 29 -2.03 0.91 1.29
N SER A 30 -1.04 1.35 0.50
CA SER A 30 0.38 0.99 0.62
C SER A 30 1.18 1.88 -0.36
N CYS A 31 2.50 1.71 -0.42
CA CYS A 31 3.31 2.37 -1.44
C CYS A 31 3.17 1.61 -2.76
N LYS A 32 3.29 2.32 -3.90
CA LYS A 32 3.07 1.74 -5.24
C LYS A 32 4.06 0.60 -5.53
N ALA A 33 5.31 0.76 -5.07
CA ALA A 33 6.38 -0.21 -5.33
C ALA A 33 6.03 -1.63 -4.77
N CYS A 34 5.28 -1.65 -3.64
CA CYS A 34 4.73 -2.90 -3.05
C CYS A 34 3.78 -3.60 -4.03
N ILE A 35 2.72 -2.89 -4.45
CA ILE A 35 1.65 -3.49 -5.26
C ILE A 35 2.15 -3.82 -6.68
N ASN A 36 3.12 -3.03 -7.20
CA ASN A 36 3.74 -3.30 -8.51
C ASN A 36 4.48 -4.66 -8.46
N GLN A 37 5.26 -4.87 -7.37
CA GLN A 37 5.96 -6.14 -7.09
C GLN A 37 4.95 -7.27 -6.83
N HIS A 38 3.80 -6.91 -6.22
CA HIS A 38 2.73 -7.86 -5.88
C HIS A 38 2.00 -8.33 -7.14
N LEU A 39 1.89 -7.44 -8.17
CA LEU A 39 1.22 -7.76 -9.46
C LEU A 39 1.98 -8.84 -10.26
N MET A 40 3.20 -9.18 -9.80
CA MET A 40 3.95 -10.35 -10.30
C MET A 40 3.36 -11.65 -9.70
N ASN A 41 3.04 -11.57 -8.38
CA ASN A 41 2.45 -12.69 -7.61
C ASN A 41 0.96 -12.85 -7.96
N ASN A 42 0.14 -11.88 -7.51
CA ASN A 42 -1.33 -11.85 -7.67
C ASN A 42 -1.79 -10.39 -7.88
N LYS A 43 -3.05 -10.22 -8.30
CA LYS A 43 -3.67 -8.87 -8.47
C LYS A 43 -4.53 -8.52 -7.23
N ASP A 44 -4.25 -9.19 -6.11
CA ASP A 44 -5.06 -9.08 -4.88
C ASP A 44 -4.58 -7.97 -3.93
N CYS A 45 -5.44 -7.63 -2.95
CA CYS A 45 -5.25 -6.48 -2.06
C CYS A 45 -4.59 -6.90 -0.74
N PHE A 46 -3.41 -7.56 -0.88
CA PHE A 46 -2.52 -7.99 0.23
C PHE A 46 -3.24 -8.72 1.38
N PHE A 47 -3.81 -7.93 2.30
CA PHE A 47 -4.36 -8.39 3.58
C PHE A 47 -5.69 -9.10 3.35
N CYS A 48 -6.71 -8.35 2.90
CA CYS A 48 -8.08 -8.90 2.68
C CYS A 48 -8.13 -9.77 1.39
N LYS A 49 -7.10 -9.61 0.52
CA LYS A 49 -6.90 -10.39 -0.72
C LYS A 49 -8.01 -10.16 -1.79
N THR A 50 -8.69 -9.00 -1.72
CA THR A 50 -9.69 -8.60 -2.74
C THR A 50 -8.97 -8.28 -4.07
N THR A 51 -9.43 -8.89 -5.18
CA THR A 51 -8.90 -8.62 -6.52
C THR A 51 -9.17 -7.13 -6.88
N ILE A 52 -8.08 -6.35 -6.94
CA ILE A 52 -8.12 -4.89 -7.11
C ILE A 52 -8.57 -4.51 -8.53
N VAL A 53 -9.48 -3.54 -8.63
CA VAL A 53 -9.97 -3.04 -9.92
C VAL A 53 -8.93 -2.09 -10.53
N SER A 54 -8.50 -1.09 -9.74
CA SER A 54 -7.51 -0.08 -10.17
C SER A 54 -6.69 0.39 -8.96
N VAL A 55 -5.44 0.81 -9.20
CA VAL A 55 -4.55 1.34 -8.13
C VAL A 55 -4.14 2.77 -8.49
N GLU A 56 -4.64 3.77 -7.74
CA GLU A 56 -4.31 5.20 -7.97
C GLU A 56 -3.12 5.62 -7.10
N ASP A 57 -2.41 6.67 -7.59
CA ASP A 57 -1.40 7.38 -6.80
C ASP A 57 -2.09 8.13 -5.66
N TRP A 58 -2.11 7.51 -4.46
CA TRP A 58 -2.69 8.17 -3.27
C TRP A 58 -1.69 9.22 -2.76
N GLU A 59 -1.87 10.45 -3.27
CA GLU A 59 -1.07 11.60 -2.89
C GLU A 59 -1.81 12.37 -1.78
N LYS A 60 -1.22 12.34 -0.57
CA LYS A 60 -1.72 13.08 0.62
C LYS A 60 -1.37 14.57 0.51
N GLY A 61 -0.39 14.89 -0.36
CA GLY A 61 0.08 16.25 -0.60
C GLY A 61 1.37 16.52 0.17
N SER A 1 18.80 9.28 15.60
CA SER A 1 18.25 9.36 16.98
C SER A 1 17.06 8.40 17.13
N HIS A 2 15.86 8.83 16.65
CA HIS A 2 14.62 8.03 16.73
C HIS A 2 13.54 8.67 15.82
N MET A 3 13.46 8.17 14.58
CA MET A 3 12.47 8.62 13.56
C MET A 3 12.61 10.14 13.25
N PRO A 4 13.43 10.52 12.21
CA PRO A 4 13.79 11.94 11.96
C PRO A 4 12.59 12.72 11.37
N THR A 5 11.76 13.28 12.29
CA THR A 5 10.52 14.07 11.99
C THR A 5 9.60 13.38 10.94
N SER A 6 9.71 12.04 10.86
CA SER A 6 9.09 11.22 9.80
C SER A 6 7.55 11.17 9.95
N GLU A 7 6.87 11.07 8.81
CA GLU A 7 5.41 11.00 8.74
C GLU A 7 4.91 9.62 9.21
N GLU A 8 3.72 9.60 9.84
CA GLU A 8 3.07 8.34 10.26
C GLU A 8 2.37 7.66 9.08
N ASP A 9 2.44 8.29 7.88
CA ASP A 9 1.86 7.78 6.62
C ASP A 9 2.73 6.67 5.99
N LEU A 10 3.61 6.04 6.80
CA LEU A 10 4.49 4.95 6.37
C LEU A 10 3.68 3.74 5.86
N CYS A 11 4.18 3.11 4.78
CA CYS A 11 3.64 1.86 4.25
C CYS A 11 3.75 0.77 5.35
N PRO A 12 2.61 0.15 5.82
CA PRO A 12 2.63 -0.84 6.95
C PRO A 12 3.53 -2.07 6.63
N ILE A 13 3.63 -2.38 5.33
CA ILE A 13 4.41 -3.50 4.80
C ILE A 13 5.94 -3.25 4.89
N CYS A 14 6.36 -1.98 4.76
CA CYS A 14 7.79 -1.63 4.55
C CYS A 14 8.35 -0.76 5.69
N TYR A 15 7.61 0.33 6.03
CA TYR A 15 7.94 1.34 7.08
C TYR A 15 8.98 2.38 6.60
N ALA A 16 10.03 1.93 5.88
CA ALA A 16 11.13 2.81 5.42
C ALA A 16 10.65 3.95 4.49
N HIS A 17 9.59 3.67 3.70
CA HIS A 17 8.99 4.64 2.74
C HIS A 17 7.48 4.76 3.04
N PRO A 18 6.82 5.93 2.67
CA PRO A 18 5.40 6.17 2.97
C PRO A 18 4.43 5.38 2.06
N ILE A 19 3.16 5.81 2.06
CA ILE A 19 2.13 5.32 1.13
C ILE A 19 2.17 6.18 -0.15
N SER A 20 1.95 5.52 -1.30
CA SER A 20 1.91 6.19 -2.62
C SER A 20 0.64 5.79 -3.38
N ALA A 21 -0.05 4.71 -2.97
CA ALA A 21 -1.15 4.11 -3.79
C ALA A 21 -2.29 3.53 -2.91
N VAL A 22 -3.53 3.86 -3.29
CA VAL A 22 -4.77 3.25 -2.76
C VAL A 22 -5.33 2.25 -3.78
N PHE A 23 -5.88 1.14 -3.26
CA PHE A 23 -6.52 0.09 -4.06
C PHE A 23 -8.04 0.32 -4.01
N GLN A 24 -8.50 1.19 -4.91
CA GLN A 24 -9.89 1.67 -4.97
C GLN A 24 -10.75 0.62 -5.73
N PRO A 25 -12.06 0.38 -5.33
CA PRO A 25 -12.77 1.07 -4.22
C PRO A 25 -12.70 0.39 -2.84
N CYS A 26 -11.78 -0.59 -2.66
CA CYS A 26 -11.68 -1.33 -1.38
C CYS A 26 -11.31 -0.41 -0.21
N GLY A 27 -10.21 0.35 -0.36
CA GLY A 27 -9.78 1.31 0.64
C GLY A 27 -8.31 1.17 1.03
N HIS A 28 -7.85 -0.09 1.22
CA HIS A 28 -6.46 -0.40 1.64
C HIS A 28 -5.41 0.29 0.77
N LYS A 29 -4.38 0.86 1.43
CA LYS A 29 -3.26 1.54 0.76
C LYS A 29 -1.92 0.84 1.09
N SER A 30 -0.88 1.25 0.33
CA SER A 30 0.51 0.88 0.57
C SER A 30 1.39 1.75 -0.36
N CYS A 31 2.71 1.52 -0.37
CA CYS A 31 3.59 2.12 -1.40
C CYS A 31 3.33 1.41 -2.73
N LYS A 32 3.43 2.13 -3.85
CA LYS A 32 3.11 1.59 -5.19
C LYS A 32 4.16 0.55 -5.64
N ALA A 33 5.33 0.56 -4.95
CA ALA A 33 6.37 -0.47 -5.08
C ALA A 33 5.83 -1.85 -4.67
N CYS A 34 5.01 -1.87 -3.58
CA CYS A 34 4.36 -3.11 -3.05
C CYS A 34 3.53 -3.80 -4.14
N ILE A 35 2.62 -3.04 -4.79
CA ILE A 35 1.68 -3.61 -5.76
C ILE A 35 2.40 -4.02 -7.05
N ASN A 36 3.46 -3.27 -7.44
CA ASN A 36 4.32 -3.63 -8.59
C ASN A 36 4.95 -5.03 -8.36
N GLN A 37 5.51 -5.21 -7.16
CA GLN A 37 6.15 -6.47 -6.73
C GLN A 37 5.10 -7.57 -6.44
N HIS A 38 3.85 -7.17 -6.17
CA HIS A 38 2.73 -8.10 -5.92
C HIS A 38 2.22 -8.67 -7.25
N LEU A 39 2.21 -7.84 -8.30
CA LEU A 39 1.76 -8.22 -9.66
C LEU A 39 2.79 -9.12 -10.37
N MET A 40 3.91 -9.42 -9.67
CA MET A 40 4.91 -10.43 -10.09
C MET A 40 4.39 -11.85 -9.76
N ASN A 41 3.34 -11.96 -8.91
CA ASN A 41 2.72 -13.23 -8.50
C ASN A 41 1.17 -13.11 -8.57
N ASN A 42 0.59 -12.33 -7.64
CA ASN A 42 -0.88 -12.19 -7.47
C ASN A 42 -1.42 -10.88 -8.07
N LYS A 43 -2.72 -10.63 -7.86
CA LYS A 43 -3.40 -9.40 -8.27
C LYS A 43 -4.46 -9.08 -7.20
N ASP A 44 -3.98 -8.80 -5.98
CA ASP A 44 -4.84 -8.70 -4.77
C ASP A 44 -4.44 -7.49 -3.90
N CYS A 45 -5.38 -7.08 -3.04
CA CYS A 45 -5.29 -5.86 -2.21
C CYS A 45 -4.75 -6.19 -0.80
N PHE A 46 -3.78 -7.14 -0.75
CA PHE A 46 -2.97 -7.47 0.43
C PHE A 46 -3.81 -7.90 1.66
N PHE A 47 -4.26 -6.91 2.47
CA PHE A 47 -4.85 -7.10 3.83
C PHE A 47 -6.36 -7.37 3.80
N CYS A 48 -6.74 -8.24 2.87
CA CYS A 48 -8.11 -8.67 2.59
C CYS A 48 -8.09 -9.61 1.36
N LYS A 49 -7.12 -9.32 0.45
CA LYS A 49 -6.91 -10.04 -0.83
C LYS A 49 -8.12 -9.90 -1.78
N THR A 50 -8.71 -8.70 -1.79
CA THR A 50 -9.68 -8.32 -2.82
C THR A 50 -8.91 -8.09 -4.14
N THR A 51 -9.36 -8.71 -5.23
CA THR A 51 -8.73 -8.56 -6.56
C THR A 51 -8.69 -7.06 -6.97
N ILE A 52 -7.52 -6.61 -7.43
CA ILE A 52 -7.29 -5.19 -7.77
C ILE A 52 -8.19 -4.75 -8.93
N VAL A 53 -9.13 -3.83 -8.62
CA VAL A 53 -9.95 -3.14 -9.62
C VAL A 53 -9.10 -2.04 -10.28
N SER A 54 -8.56 -1.13 -9.46
CA SER A 54 -7.69 -0.03 -9.92
C SER A 54 -6.72 0.42 -8.81
N VAL A 55 -5.44 0.63 -9.20
CA VAL A 55 -4.41 1.24 -8.34
C VAL A 55 -4.34 2.74 -8.67
N GLU A 56 -4.88 3.57 -7.78
CA GLU A 56 -4.77 5.03 -7.84
C GLU A 56 -3.63 5.48 -6.92
N ASP A 57 -2.92 6.55 -7.30
CA ASP A 57 -1.92 7.17 -6.42
C ASP A 57 -2.64 7.97 -5.32
N TRP A 58 -2.53 7.49 -4.07
CA TRP A 58 -3.25 8.05 -2.91
C TRP A 58 -2.62 9.38 -2.46
N GLU A 59 -3.48 10.39 -2.23
CA GLU A 59 -3.08 11.71 -1.71
C GLU A 59 -3.52 11.82 -0.24
N LYS A 60 -2.60 12.27 0.64
CA LYS A 60 -2.90 12.49 2.06
C LYS A 60 -3.59 13.86 2.26
N GLY A 61 -4.91 13.82 2.52
CA GLY A 61 -5.69 15.03 2.79
C GLY A 61 -7.18 14.71 2.75
N SER A 1 13.14 -8.29 17.45
CA SER A 1 14.48 -7.87 17.92
C SER A 1 14.77 -6.41 17.50
N HIS A 2 14.27 -6.01 16.32
CA HIS A 2 14.48 -4.65 15.76
C HIS A 2 13.52 -3.62 16.41
N MET A 3 13.81 -2.33 16.18
CA MET A 3 12.97 -1.21 16.65
C MET A 3 11.80 -0.97 15.67
N PRO A 4 10.52 -0.87 16.18
CA PRO A 4 9.30 -0.73 15.33
C PRO A 4 9.27 0.56 14.46
N THR A 5 10.09 1.57 14.85
CA THR A 5 10.15 2.88 14.19
C THR A 5 8.86 3.71 14.45
N SER A 6 8.93 5.04 14.28
CA SER A 6 7.75 5.93 14.32
C SER A 6 6.71 5.48 13.26
N GLU A 7 5.42 5.45 13.65
CA GLU A 7 4.32 4.90 12.82
C GLU A 7 4.07 5.77 11.57
N GLU A 8 3.79 7.08 11.82
CA GLU A 8 3.61 8.11 10.77
C GLU A 8 2.55 7.68 9.71
N ASP A 9 2.68 8.17 8.46
CA ASP A 9 1.91 7.67 7.30
C ASP A 9 2.76 6.64 6.52
N LEU A 10 3.69 5.97 7.25
CA LEU A 10 4.60 4.98 6.65
C LEU A 10 3.84 3.73 6.19
N CYS A 11 4.31 3.14 5.08
CA CYS A 11 3.80 1.87 4.57
C CYS A 11 4.00 0.75 5.63
N PRO A 12 2.91 0.11 6.15
CA PRO A 12 3.03 -0.89 7.27
C PRO A 12 3.80 -2.16 6.87
N ILE A 13 3.98 -2.34 5.55
CA ILE A 13 4.66 -3.49 4.95
C ILE A 13 6.20 -3.26 4.88
N CYS A 14 6.64 -1.97 4.97
CA CYS A 14 8.05 -1.61 4.69
C CYS A 14 8.61 -0.64 5.75
N TYR A 15 7.87 0.46 6.00
CA TYR A 15 8.21 1.56 6.96
C TYR A 15 9.24 2.57 6.38
N ALA A 16 10.27 2.07 5.66
CA ALA A 16 11.35 2.95 5.12
C ALA A 16 10.83 3.97 4.06
N HIS A 17 9.60 3.77 3.55
CA HIS A 17 8.90 4.73 2.67
C HIS A 17 7.41 4.82 3.08
N PRO A 18 6.73 6.01 2.88
CA PRO A 18 5.29 6.19 3.20
C PRO A 18 4.34 5.53 2.18
N ILE A 19 3.04 5.92 2.25
CA ILE A 19 2.00 5.46 1.30
C ILE A 19 2.11 6.25 -0.03
N SER A 20 1.73 5.60 -1.14
CA SER A 20 1.78 6.18 -2.50
C SER A 20 0.49 5.87 -3.28
N ALA A 21 -0.09 4.68 -3.01
CA ALA A 21 -1.19 4.11 -3.81
C ALA A 21 -2.35 3.65 -2.93
N VAL A 22 -3.55 3.66 -3.51
CA VAL A 22 -4.80 3.19 -2.88
C VAL A 22 -5.49 2.20 -3.84
N PHE A 23 -6.02 1.09 -3.29
CA PHE A 23 -6.50 -0.05 -4.08
C PHE A 23 -8.04 -0.10 -4.08
N GLN A 24 -8.63 0.28 -5.23
CA GLN A 24 -10.08 0.20 -5.47
C GLN A 24 -10.48 -1.22 -5.92
N PRO A 25 -11.71 -1.70 -5.59
CA PRO A 25 -12.73 -0.99 -4.78
C PRO A 25 -12.68 -1.46 -3.32
N CYS A 26 -11.75 -0.90 -2.55
CA CYS A 26 -11.51 -1.29 -1.16
C CYS A 26 -11.15 -0.11 -0.26
N GLY A 27 -10.00 0.52 -0.54
CA GLY A 27 -9.50 1.64 0.28
C GLY A 27 -8.20 1.34 1.01
N HIS A 28 -7.77 0.05 1.04
CA HIS A 28 -6.43 -0.33 1.57
C HIS A 28 -5.33 0.40 0.77
N LYS A 29 -4.29 0.86 1.49
CA LYS A 29 -3.22 1.69 0.92
C LYS A 29 -1.84 1.13 1.32
N SER A 30 -0.83 1.47 0.49
CA SER A 30 0.59 1.15 0.75
C SER A 30 1.47 1.92 -0.25
N CYS A 31 2.80 1.73 -0.16
CA CYS A 31 3.74 2.29 -1.15
C CYS A 31 3.57 1.56 -2.49
N LYS A 32 3.81 2.27 -3.62
CA LYS A 32 3.55 1.69 -4.97
C LYS A 32 4.57 0.58 -5.32
N ALA A 33 5.71 0.55 -4.61
CA ALA A 33 6.69 -0.55 -4.71
C ALA A 33 6.06 -1.91 -4.31
N CYS A 34 5.14 -1.85 -3.31
CA CYS A 34 4.39 -3.03 -2.83
C CYS A 34 3.56 -3.65 -3.95
N ILE A 35 2.74 -2.82 -4.63
CA ILE A 35 1.83 -3.32 -5.69
C ILE A 35 2.62 -3.73 -6.94
N ASN A 36 3.75 -3.06 -7.21
CA ASN A 36 4.66 -3.43 -8.31
C ASN A 36 5.20 -4.86 -8.09
N GLN A 37 5.64 -5.13 -6.85
CA GLN A 37 6.16 -6.44 -6.43
C GLN A 37 5.02 -7.47 -6.31
N HIS A 38 3.79 -7.00 -6.04
CA HIS A 38 2.62 -7.87 -5.85
C HIS A 38 2.10 -8.37 -7.21
N LEU A 39 2.10 -7.50 -8.23
CA LEU A 39 1.48 -7.81 -9.54
C LEU A 39 2.22 -8.93 -10.30
N MET A 40 3.52 -9.12 -9.99
CA MET A 40 4.33 -10.23 -10.57
C MET A 40 3.98 -11.58 -9.92
N ASN A 41 3.27 -11.55 -8.78
CA ASN A 41 2.78 -12.76 -8.09
C ASN A 41 1.26 -12.93 -8.30
N ASN A 42 0.48 -12.00 -7.71
CA ASN A 42 -1.02 -12.02 -7.71
C ASN A 42 -1.58 -10.63 -8.10
N LYS A 43 -2.90 -10.44 -7.91
CA LYS A 43 -3.58 -9.14 -8.16
C LYS A 43 -4.56 -8.79 -7.01
N ASP A 44 -4.49 -9.56 -5.91
CA ASP A 44 -5.37 -9.35 -4.74
C ASP A 44 -4.93 -8.12 -3.92
N CYS A 45 -5.79 -7.69 -3.00
CA CYS A 45 -5.56 -6.50 -2.15
C CYS A 45 -4.84 -6.89 -0.85
N PHE A 46 -3.70 -7.60 -1.04
CA PHE A 46 -2.73 -7.98 0.02
C PHE A 46 -3.37 -8.74 1.20
N PHE A 47 -3.99 -7.97 2.11
CA PHE A 47 -4.52 -8.46 3.38
C PHE A 47 -5.92 -9.06 3.18
N CYS A 48 -6.88 -8.23 2.76
CA CYS A 48 -8.31 -8.62 2.65
C CYS A 48 -8.59 -9.42 1.36
N LYS A 49 -7.57 -9.50 0.46
CA LYS A 49 -7.60 -10.35 -0.76
C LYS A 49 -8.61 -9.90 -1.84
N THR A 50 -9.20 -8.70 -1.71
CA THR A 50 -10.13 -8.14 -2.71
C THR A 50 -9.41 -7.89 -4.06
N THR A 51 -10.06 -8.26 -5.18
CA THR A 51 -9.53 -8.02 -6.52
C THR A 51 -9.40 -6.50 -6.79
N ILE A 52 -8.15 -6.04 -7.05
CA ILE A 52 -7.87 -4.62 -7.29
C ILE A 52 -8.27 -4.24 -8.74
N VAL A 53 -9.40 -3.54 -8.86
CA VAL A 53 -9.92 -3.05 -10.16
C VAL A 53 -9.10 -1.83 -10.63
N SER A 54 -8.57 -1.02 -9.69
CA SER A 54 -7.76 0.17 -10.03
C SER A 54 -6.76 0.50 -8.92
N VAL A 55 -5.50 0.77 -9.31
CA VAL A 55 -4.44 1.27 -8.42
C VAL A 55 -4.23 2.76 -8.71
N GLU A 56 -4.76 3.62 -7.83
CA GLU A 56 -4.73 5.08 -8.02
C GLU A 56 -3.77 5.73 -7.04
N ASP A 57 -3.12 6.82 -7.48
CA ASP A 57 -2.12 7.54 -6.68
C ASP A 57 -2.79 8.32 -5.54
N TRP A 58 -2.64 7.82 -4.30
CA TRP A 58 -3.17 8.48 -3.11
C TRP A 58 -2.22 9.60 -2.68
N GLU A 59 -2.69 10.85 -2.81
CA GLU A 59 -1.98 12.04 -2.34
C GLU A 59 -2.71 12.57 -1.10
N LYS A 60 -2.00 12.63 0.03
CA LYS A 60 -2.56 13.10 1.31
C LYS A 60 -2.82 14.61 1.26
N GLY A 61 -1.79 15.34 0.79
CA GLY A 61 -1.82 16.80 0.71
C GLY A 61 -0.66 17.43 1.46
N SER A 1 3.73 -5.80 13.93
CA SER A 1 5.00 -5.49 14.65
C SER A 1 4.88 -4.16 15.43
N HIS A 2 4.65 -3.06 14.68
CA HIS A 2 4.54 -1.69 15.21
C HIS A 2 5.85 -1.25 15.90
N MET A 3 6.76 -0.62 15.12
CA MET A 3 7.98 -0.03 15.65
C MET A 3 7.65 1.35 16.27
N PRO A 4 7.91 1.57 17.60
CA PRO A 4 7.66 2.88 18.25
C PRO A 4 8.59 3.99 17.71
N THR A 5 8.06 5.24 17.67
CA THR A 5 8.78 6.45 17.22
C THR A 5 9.05 6.43 15.67
N SER A 6 8.36 5.51 14.96
CA SER A 6 8.39 5.45 13.48
C SER A 6 7.51 6.56 12.89
N GLU A 7 6.27 6.67 13.44
CA GLU A 7 5.30 7.73 13.10
C GLU A 7 4.99 7.78 11.59
N GLU A 8 4.38 8.90 11.12
CA GLU A 8 4.15 9.19 9.69
C GLU A 8 3.13 8.19 9.06
N ASP A 9 2.78 8.38 7.78
CA ASP A 9 2.00 7.41 6.99
C ASP A 9 2.93 6.31 6.40
N LEU A 10 3.93 5.86 7.20
CA LEU A 10 4.91 4.85 6.77
C LEU A 10 4.18 3.53 6.41
N CYS A 11 4.39 3.11 5.14
CA CYS A 11 3.76 1.92 4.54
C CYS A 11 3.88 0.70 5.48
N PRO A 12 2.77 0.17 6.07
CA PRO A 12 2.83 -0.85 7.18
C PRO A 12 3.54 -2.18 6.78
N ILE A 13 3.70 -2.38 5.47
CA ILE A 13 4.40 -3.54 4.89
C ILE A 13 5.94 -3.31 4.90
N CYS A 14 6.36 -2.08 4.53
CA CYS A 14 7.78 -1.75 4.25
C CYS A 14 8.47 -1.08 5.45
N TYR A 15 7.74 -0.17 6.10
CA TYR A 15 8.17 0.67 7.24
C TYR A 15 9.09 1.84 6.79
N ALA A 16 10.10 1.54 5.95
CA ALA A 16 11.14 2.51 5.54
C ALA A 16 10.59 3.72 4.72
N HIS A 17 9.60 3.45 3.85
CA HIS A 17 9.00 4.49 2.95
C HIS A 17 7.49 4.58 3.23
N PRO A 18 6.85 5.78 2.98
CA PRO A 18 5.42 6.02 3.30
C PRO A 18 4.44 5.49 2.24
N ILE A 19 3.16 5.86 2.39
CA ILE A 19 2.07 5.47 1.46
C ILE A 19 2.09 6.40 0.23
N SER A 20 1.85 5.81 -0.95
CA SER A 20 1.87 6.53 -2.23
C SER A 20 0.74 6.05 -3.17
N ALA A 21 -0.13 5.15 -2.68
CA ALA A 21 -1.14 4.46 -3.51
C ALA A 21 -2.37 4.02 -2.70
N VAL A 22 -3.49 3.85 -3.41
CA VAL A 22 -4.76 3.32 -2.87
C VAL A 22 -5.33 2.26 -3.84
N PHE A 23 -5.88 1.17 -3.27
CA PHE A 23 -6.35 0.01 -4.03
C PHE A 23 -7.88 0.05 -4.22
N GLN A 24 -8.32 0.51 -5.40
CA GLN A 24 -9.74 0.49 -5.81
C GLN A 24 -10.23 -0.96 -6.12
N PRO A 25 -11.53 -1.28 -5.84
CA PRO A 25 -12.54 -0.40 -5.19
C PRO A 25 -12.62 -0.65 -3.66
N CYS A 26 -11.49 -1.10 -3.09
CA CYS A 26 -11.41 -1.48 -1.67
C CYS A 26 -11.22 -0.24 -0.77
N GLY A 27 -10.00 0.32 -0.75
CA GLY A 27 -9.67 1.48 0.12
C GLY A 27 -8.32 1.36 0.81
N HIS A 28 -7.80 0.11 0.95
CA HIS A 28 -6.47 -0.14 1.58
C HIS A 28 -5.34 0.59 0.84
N LYS A 29 -4.36 1.09 1.61
CA LYS A 29 -3.32 2.00 1.11
C LYS A 29 -1.93 1.51 1.51
N SER A 30 -0.96 1.75 0.62
CA SER A 30 0.48 1.49 0.84
C SER A 30 1.28 2.22 -0.25
N CYS A 31 2.61 2.06 -0.24
CA CYS A 31 3.48 2.58 -1.33
C CYS A 31 3.15 1.80 -2.62
N LYS A 32 3.16 2.48 -3.79
CA LYS A 32 2.79 1.85 -5.08
C LYS A 32 3.76 0.71 -5.44
N ALA A 33 5.02 0.84 -4.99
CA ALA A 33 6.08 -0.18 -5.15
C ALA A 33 5.66 -1.58 -4.63
N CYS A 34 4.78 -1.60 -3.59
CA CYS A 34 4.20 -2.84 -3.03
C CYS A 34 3.42 -3.62 -4.08
N ILE A 35 2.42 -2.95 -4.71
CA ILE A 35 1.52 -3.61 -5.66
C ILE A 35 2.21 -3.81 -7.02
N ASN A 36 3.27 -3.02 -7.30
CA ASN A 36 4.10 -3.21 -8.50
C ASN A 36 4.85 -4.56 -8.41
N GLN A 37 5.37 -4.86 -7.21
CA GLN A 37 6.00 -6.16 -6.91
C GLN A 37 4.94 -7.30 -6.87
N HIS A 38 3.78 -6.98 -6.27
CA HIS A 38 2.72 -7.97 -6.00
C HIS A 38 2.02 -8.43 -7.29
N LEU A 39 1.86 -7.53 -8.29
CA LEU A 39 1.21 -7.88 -9.59
C LEU A 39 2.08 -8.82 -10.46
N MET A 40 3.35 -8.99 -10.06
CA MET A 40 4.26 -10.00 -10.65
C MET A 40 3.92 -11.41 -10.11
N ASN A 41 3.17 -11.45 -8.99
CA ASN A 41 2.72 -12.69 -8.32
C ASN A 41 1.17 -12.84 -8.43
N ASN A 42 0.42 -12.04 -7.64
CA ASN A 42 -1.07 -12.10 -7.58
C ASN A 42 -1.69 -10.70 -7.81
N LYS A 43 -3.03 -10.62 -7.91
CA LYS A 43 -3.76 -9.36 -8.21
C LYS A 43 -4.58 -8.88 -7.00
N ASP A 44 -4.24 -9.39 -5.80
CA ASP A 44 -5.07 -9.21 -4.60
C ASP A 44 -4.59 -8.03 -3.71
N CYS A 45 -5.45 -7.63 -2.77
CA CYS A 45 -5.22 -6.45 -1.92
C CYS A 45 -4.58 -6.85 -0.56
N PHE A 46 -3.54 -7.72 -0.66
CA PHE A 46 -2.65 -8.14 0.45
C PHE A 46 -3.41 -8.71 1.68
N PHE A 47 -3.90 -7.80 2.54
CA PHE A 47 -4.49 -8.12 3.84
C PHE A 47 -5.87 -8.79 3.65
N CYS A 48 -6.81 -8.03 3.06
CA CYS A 48 -8.21 -8.48 2.87
C CYS A 48 -8.34 -9.42 1.65
N LYS A 49 -7.27 -9.45 0.79
CA LYS A 49 -7.15 -10.35 -0.40
C LYS A 49 -8.22 -10.09 -1.48
N THR A 50 -8.91 -8.94 -1.41
CA THR A 50 -9.88 -8.52 -2.44
C THR A 50 -9.12 -8.19 -3.74
N THR A 51 -9.47 -8.87 -4.85
CA THR A 51 -8.80 -8.67 -6.15
C THR A 51 -9.04 -7.22 -6.65
N ILE A 52 -7.93 -6.49 -6.78
CA ILE A 52 -7.91 -5.06 -7.10
C ILE A 52 -8.29 -4.81 -8.56
N VAL A 53 -9.25 -3.88 -8.77
CA VAL A 53 -9.62 -3.42 -10.11
C VAL A 53 -8.59 -2.38 -10.59
N SER A 54 -8.38 -1.32 -9.79
CA SER A 54 -7.52 -0.18 -10.17
C SER A 54 -6.66 0.25 -8.98
N VAL A 55 -5.42 0.70 -9.25
CA VAL A 55 -4.53 1.31 -8.24
C VAL A 55 -4.26 2.76 -8.66
N GLU A 56 -4.65 3.72 -7.81
CA GLU A 56 -4.35 5.15 -8.00
C GLU A 56 -3.16 5.57 -7.14
N ASP A 57 -2.63 6.77 -7.41
CA ASP A 57 -1.58 7.40 -6.62
C ASP A 57 -2.23 8.32 -5.58
N TRP A 58 -2.33 7.84 -4.32
CA TRP A 58 -3.05 8.55 -3.26
C TRP A 58 -2.26 9.80 -2.78
N GLU A 59 -2.79 10.98 -3.13
CA GLU A 59 -2.31 12.27 -2.64
C GLU A 59 -2.74 12.45 -1.17
N LYS A 60 -1.90 13.18 -0.41
CA LYS A 60 -2.03 13.33 1.06
C LYS A 60 -1.11 14.46 1.54
N GLY A 61 -1.14 14.73 2.86
CA GLY A 61 -0.26 15.73 3.48
C GLY A 61 -0.77 16.15 4.87
N SER A 1 12.35 -10.72 14.93
CA SER A 1 12.09 -10.68 16.37
C SER A 1 11.40 -9.38 16.77
N HIS A 2 11.58 -8.31 15.96
CA HIS A 2 11.01 -6.96 16.21
C HIS A 2 10.45 -6.37 14.90
N MET A 3 9.32 -5.67 14.99
CA MET A 3 8.68 -4.98 13.85
C MET A 3 9.06 -3.48 13.90
N PRO A 4 9.46 -2.85 12.73
CA PRO A 4 9.78 -1.39 12.66
C PRO A 4 8.61 -0.52 13.16
N THR A 5 8.74 -0.01 14.39
CA THR A 5 7.69 0.76 15.07
C THR A 5 7.62 2.21 14.54
N SER A 6 6.89 2.37 13.42
CA SER A 6 6.66 3.67 12.78
C SER A 6 5.50 4.40 13.47
N GLU A 7 5.77 5.64 13.89
CA GLU A 7 4.81 6.48 14.67
C GLU A 7 4.02 7.42 13.74
N GLU A 8 3.74 6.96 12.51
CA GLU A 8 3.08 7.76 11.47
C GLU A 8 2.32 6.82 10.50
N ASP A 9 1.45 7.40 9.65
CA ASP A 9 0.69 6.67 8.60
C ASP A 9 1.56 6.38 7.35
N LEU A 10 2.67 5.67 7.60
CA LEU A 10 3.59 5.19 6.56
C LEU A 10 3.05 3.89 5.96
N CYS A 11 3.70 3.39 4.88
CA CYS A 11 3.30 2.15 4.19
C CYS A 11 3.29 0.97 5.19
N PRO A 12 2.09 0.38 5.53
CA PRO A 12 1.96 -0.65 6.61
C PRO A 12 2.79 -1.94 6.34
N ILE A 13 3.21 -2.11 5.07
CA ILE A 13 4.06 -3.23 4.64
C ILE A 13 5.56 -2.89 4.88
N CYS A 14 5.99 -1.69 4.44
CA CYS A 14 7.43 -1.30 4.43
C CYS A 14 7.85 -0.71 5.79
N TYR A 15 7.09 0.31 6.24
CA TYR A 15 7.34 1.13 7.46
C TYR A 15 8.43 2.20 7.23
N ALA A 16 9.50 1.85 6.51
CA ALA A 16 10.66 2.74 6.27
C ALA A 16 10.39 3.80 5.18
N HIS A 17 9.26 3.65 4.44
CA HIS A 17 8.86 4.58 3.36
C HIS A 17 7.31 4.79 3.43
N PRO A 18 6.79 5.96 2.91
CA PRO A 18 5.35 6.33 3.04
C PRO A 18 4.43 5.57 2.06
N ILE A 19 3.15 5.99 2.06
CA ILE A 19 2.11 5.48 1.14
C ILE A 19 2.10 6.34 -0.14
N SER A 20 1.85 5.68 -1.31
CA SER A 20 1.80 6.36 -2.61
C SER A 20 0.84 5.63 -3.58
N ALA A 21 -0.07 4.80 -3.01
CA ALA A 21 -1.05 4.01 -3.79
C ALA A 21 -2.25 3.62 -2.91
N VAL A 22 -3.46 3.71 -3.48
CA VAL A 22 -4.69 3.21 -2.88
C VAL A 22 -5.27 2.09 -3.77
N PHE A 23 -5.79 1.04 -3.13
CA PHE A 23 -6.45 -0.09 -3.79
C PHE A 23 -7.95 0.15 -3.74
N GLN A 24 -8.44 0.89 -4.74
CA GLN A 24 -9.84 1.35 -4.81
C GLN A 24 -10.67 0.29 -5.58
N PRO A 25 -11.96 -0.04 -5.17
CA PRO A 25 -12.74 0.67 -4.11
C PRO A 25 -12.66 0.06 -2.69
N CYS A 26 -11.59 -0.70 -2.38
CA CYS A 26 -11.42 -1.30 -1.03
C CYS A 26 -11.14 -0.22 0.04
N GLY A 27 -10.00 0.48 -0.09
CA GLY A 27 -9.58 1.49 0.89
C GLY A 27 -8.18 1.24 1.45
N HIS A 28 -7.73 -0.05 1.46
CA HIS A 28 -6.35 -0.42 1.85
C HIS A 28 -5.32 0.34 1.00
N LYS A 29 -4.23 0.79 1.65
CA LYS A 29 -3.22 1.66 1.03
C LYS A 29 -1.81 1.14 1.37
N SER A 30 -0.87 1.43 0.46
CA SER A 30 0.57 1.16 0.61
C SER A 30 1.32 1.98 -0.45
N CYS A 31 2.63 1.79 -0.56
CA CYS A 31 3.41 2.43 -1.64
C CYS A 31 3.20 1.63 -2.95
N LYS A 32 3.28 2.32 -4.10
CA LYS A 32 3.10 1.69 -5.42
C LYS A 32 4.23 0.70 -5.74
N ALA A 33 5.36 0.80 -5.01
CA ALA A 33 6.47 -0.17 -5.09
C ALA A 33 6.01 -1.59 -4.65
N CYS A 34 5.19 -1.64 -3.57
CA CYS A 34 4.63 -2.89 -3.01
C CYS A 34 3.81 -3.65 -4.06
N ILE A 35 2.84 -2.92 -4.65
CA ILE A 35 1.89 -3.53 -5.59
C ILE A 35 2.56 -3.85 -6.94
N ASN A 36 3.55 -3.03 -7.36
CA ASN A 36 4.31 -3.28 -8.61
C ASN A 36 5.05 -4.64 -8.53
N GLN A 37 5.69 -4.86 -7.37
CA GLN A 37 6.35 -6.13 -7.01
C GLN A 37 5.33 -7.29 -6.99
N HIS A 38 4.14 -7.00 -6.47
CA HIS A 38 3.06 -7.97 -6.25
C HIS A 38 2.40 -8.37 -7.58
N LEU A 39 2.31 -7.43 -8.54
CA LEU A 39 1.62 -7.65 -9.85
C LEU A 39 2.41 -8.60 -10.77
N MET A 40 3.65 -8.92 -10.37
CA MET A 40 4.47 -9.94 -11.04
C MET A 40 3.94 -11.36 -10.69
N ASN A 41 3.26 -11.46 -9.53
CA ASN A 41 2.70 -12.72 -9.00
C ASN A 41 1.15 -12.68 -9.04
N ASN A 42 0.53 -11.88 -8.14
CA ASN A 42 -0.95 -11.80 -7.98
C ASN A 42 -1.44 -10.35 -8.21
N LYS A 43 -2.75 -10.15 -7.98
CA LYS A 43 -3.41 -8.84 -8.15
C LYS A 43 -4.37 -8.59 -6.96
N ASP A 44 -4.14 -9.31 -5.84
CA ASP A 44 -5.01 -9.20 -4.65
C ASP A 44 -4.56 -8.03 -3.75
N CYS A 45 -5.45 -7.64 -2.83
CA CYS A 45 -5.28 -6.44 -1.97
C CYS A 45 -4.59 -6.80 -0.64
N PHE A 46 -3.58 -7.71 -0.73
CA PHE A 46 -2.65 -8.08 0.37
C PHE A 46 -3.39 -8.59 1.64
N PHE A 47 -3.82 -7.63 2.47
CA PHE A 47 -4.33 -7.89 3.83
C PHE A 47 -5.67 -8.64 3.77
N CYS A 48 -6.60 -8.10 2.96
CA CYS A 48 -7.96 -8.67 2.82
C CYS A 48 -8.07 -9.58 1.58
N LYS A 49 -7.01 -9.60 0.74
CA LYS A 49 -6.88 -10.43 -0.48
C LYS A 49 -8.00 -10.18 -1.56
N THR A 50 -8.77 -9.08 -1.43
CA THR A 50 -9.79 -8.71 -2.42
C THR A 50 -9.13 -8.36 -3.78
N THR A 51 -9.69 -8.89 -4.89
CA THR A 51 -9.20 -8.61 -6.24
C THR A 51 -9.36 -7.11 -6.55
N ILE A 52 -8.21 -6.41 -6.67
CA ILE A 52 -8.18 -4.95 -6.85
C ILE A 52 -8.72 -4.58 -8.24
N VAL A 53 -9.75 -3.72 -8.28
CA VAL A 53 -10.34 -3.22 -9.53
C VAL A 53 -9.37 -2.25 -10.22
N SER A 54 -8.88 -1.26 -9.46
CA SER A 54 -7.91 -0.28 -9.96
C SER A 54 -6.90 0.11 -8.86
N VAL A 55 -5.61 0.10 -9.25
CA VAL A 55 -4.50 0.54 -8.39
C VAL A 55 -4.10 1.96 -8.83
N GLU A 56 -4.44 2.95 -8.01
CA GLU A 56 -4.26 4.37 -8.33
C GLU A 56 -3.27 5.00 -7.35
N ASP A 57 -2.65 6.12 -7.76
CA ASP A 57 -1.68 6.84 -6.93
C ASP A 57 -2.42 7.66 -5.87
N TRP A 58 -2.01 7.49 -4.61
CA TRP A 58 -2.53 8.27 -3.49
C TRP A 58 -1.39 9.11 -2.93
N GLU A 59 -1.43 10.42 -3.22
CA GLU A 59 -0.50 11.41 -2.66
C GLU A 59 -0.65 11.44 -1.13
N LYS A 60 0.48 11.24 -0.42
CA LYS A 60 0.50 11.01 1.03
C LYS A 60 0.05 12.27 1.80
N GLY A 61 0.76 13.37 1.59
CA GLY A 61 0.45 14.63 2.26
C GLY A 61 1.59 15.65 2.14
N SER A 1 15.46 -3.10 11.82
CA SER A 1 15.38 -2.36 10.55
C SER A 1 15.65 -0.86 10.76
N HIS A 2 16.23 -0.21 9.75
CA HIS A 2 16.50 1.25 9.76
C HIS A 2 15.21 2.02 9.38
N MET A 3 15.16 3.31 9.78
CA MET A 3 13.98 4.17 9.59
C MET A 3 14.44 5.65 9.42
N PRO A 4 15.02 6.01 8.23
CA PRO A 4 15.54 7.39 7.97
C PRO A 4 14.43 8.46 7.98
N THR A 5 13.36 8.16 7.24
CA THR A 5 12.20 9.05 7.07
C THR A 5 10.93 8.34 7.62
N SER A 6 10.55 8.69 8.85
CA SER A 6 9.37 8.14 9.52
C SER A 6 8.56 9.29 10.16
N GLU A 7 7.45 9.64 9.51
CA GLU A 7 6.57 10.75 9.93
C GLU A 7 5.20 10.18 10.31
N GLU A 8 4.39 9.85 9.29
CA GLU A 8 3.09 9.19 9.40
C GLU A 8 2.60 8.78 8.01
N ASP A 9 1.48 8.03 7.95
CA ASP A 9 0.95 7.42 6.70
C ASP A 9 2.00 6.49 6.08
N LEU A 10 2.76 5.80 6.96
CA LEU A 10 3.87 4.92 6.55
C LEU A 10 3.31 3.62 5.97
N CYS A 11 3.96 3.13 4.89
CA CYS A 11 3.59 1.86 4.23
C CYS A 11 3.66 0.70 5.24
N PRO A 12 2.51 0.03 5.58
CA PRO A 12 2.44 -1.01 6.67
C PRO A 12 3.42 -2.20 6.47
N ILE A 13 3.89 -2.37 5.22
CA ILE A 13 4.85 -3.43 4.84
C ILE A 13 6.32 -2.95 4.99
N CYS A 14 6.60 -1.71 4.56
CA CYS A 14 7.99 -1.16 4.48
C CYS A 14 8.35 -0.37 5.74
N TYR A 15 7.47 0.61 6.05
CA TYR A 15 7.50 1.47 7.27
C TYR A 15 8.51 2.63 7.15
N ALA A 16 9.70 2.35 6.58
CA ALA A 16 10.77 3.34 6.40
C ALA A 16 10.42 4.39 5.30
N HIS A 17 9.38 4.09 4.49
CA HIS A 17 8.86 4.97 3.43
C HIS A 17 7.32 5.05 3.55
N PRO A 18 6.67 6.17 3.08
CA PRO A 18 5.20 6.38 3.25
C PRO A 18 4.34 5.59 2.24
N ILE A 19 3.06 5.98 2.17
CA ILE A 19 2.08 5.47 1.20
C ILE A 19 1.98 6.44 0.01
N SER A 20 1.75 5.89 -1.19
CA SER A 20 1.57 6.69 -2.42
C SER A 20 0.48 6.08 -3.34
N ALA A 21 0.08 4.81 -3.08
CA ALA A 21 -0.86 4.07 -3.95
C ALA A 21 -1.98 3.44 -3.11
N VAL A 22 -3.24 3.58 -3.57
CA VAL A 22 -4.43 2.97 -2.94
C VAL A 22 -5.07 1.96 -3.91
N PHE A 23 -5.52 0.83 -3.33
CA PHE A 23 -6.25 -0.22 -4.03
C PHE A 23 -7.75 0.17 -4.06
N GLN A 24 -8.12 0.89 -5.11
CA GLN A 24 -9.47 1.43 -5.32
C GLN A 24 -10.39 0.32 -5.92
N PRO A 25 -11.70 0.19 -5.49
CA PRO A 25 -12.39 1.07 -4.50
C PRO A 25 -12.43 0.48 -3.07
N CYS A 26 -11.41 -0.31 -2.70
CA CYS A 26 -11.37 -0.96 -1.37
C CYS A 26 -11.02 0.03 -0.24
N GLY A 27 -10.07 0.95 -0.50
CA GLY A 27 -9.61 1.90 0.53
C GLY A 27 -8.52 1.34 1.43
N HIS A 28 -7.77 0.33 0.95
CA HIS A 28 -6.51 -0.12 1.57
C HIS A 28 -5.35 0.40 0.72
N LYS A 29 -4.21 0.68 1.35
CA LYS A 29 -3.08 1.37 0.70
C LYS A 29 -1.74 0.66 0.98
N SER A 30 -0.72 1.11 0.23
CA SER A 30 0.70 0.78 0.41
C SER A 30 1.52 1.72 -0.48
N CYS A 31 2.81 1.42 -0.69
CA CYS A 31 3.63 2.09 -1.72
C CYS A 31 3.49 1.31 -3.04
N LYS A 32 3.69 1.99 -4.17
CA LYS A 32 3.53 1.41 -5.52
C LYS A 32 4.50 0.21 -5.72
N ALA A 33 5.69 0.29 -5.11
CA ALA A 33 6.71 -0.78 -5.14
C ALA A 33 6.16 -2.15 -4.64
N CYS A 34 5.33 -2.09 -3.58
CA CYS A 34 4.69 -3.30 -2.98
C CYS A 34 3.75 -3.97 -3.99
N ILE A 35 2.79 -3.20 -4.56
CA ILE A 35 1.78 -3.77 -5.48
C ILE A 35 2.42 -4.19 -6.82
N ASN A 36 3.48 -3.47 -7.24
CA ASN A 36 4.25 -3.78 -8.47
C ASN A 36 4.85 -5.20 -8.38
N GLN A 37 5.48 -5.47 -7.23
CA GLN A 37 6.06 -6.79 -6.90
C GLN A 37 4.97 -7.87 -6.83
N HIS A 38 3.83 -7.51 -6.23
CA HIS A 38 2.67 -8.41 -6.04
C HIS A 38 2.08 -8.83 -7.38
N LEU A 39 2.04 -7.89 -8.35
CA LEU A 39 1.44 -8.10 -9.68
C LEU A 39 2.29 -9.06 -10.54
N MET A 40 3.51 -9.37 -10.09
CA MET A 40 4.37 -10.40 -10.74
C MET A 40 3.89 -11.83 -10.36
N ASN A 41 3.03 -11.93 -9.32
CA ASN A 41 2.56 -13.21 -8.74
C ASN A 41 1.01 -13.31 -8.81
N ASN A 42 0.33 -12.41 -8.09
CA ASN A 42 -1.15 -12.36 -7.98
C ASN A 42 -1.65 -10.94 -8.32
N LYS A 43 -2.97 -10.68 -8.17
CA LYS A 43 -3.58 -9.35 -8.43
C LYS A 43 -4.58 -9.03 -7.30
N ASP A 44 -4.06 -8.79 -6.08
CA ASP A 44 -4.89 -8.71 -4.84
C ASP A 44 -4.44 -7.56 -3.91
N CYS A 45 -5.32 -7.25 -2.94
CA CYS A 45 -5.20 -6.09 -2.02
C CYS A 45 -4.42 -6.43 -0.74
N PHE A 46 -3.55 -7.47 -0.83
CA PHE A 46 -2.70 -7.97 0.28
C PHE A 46 -3.53 -8.43 1.50
N PHE A 47 -3.85 -7.44 2.37
CA PHE A 47 -4.29 -7.65 3.77
C PHE A 47 -5.69 -8.31 3.82
N CYS A 48 -6.58 -7.87 2.92
CA CYS A 48 -7.95 -8.39 2.83
C CYS A 48 -8.15 -9.27 1.57
N LYS A 49 -7.07 -9.36 0.74
CA LYS A 49 -7.00 -10.25 -0.46
C LYS A 49 -7.97 -9.86 -1.62
N THR A 50 -8.81 -8.80 -1.45
CA THR A 50 -9.74 -8.35 -2.52
C THR A 50 -8.97 -8.03 -3.82
N THR A 51 -9.38 -8.66 -4.95
CA THR A 51 -8.72 -8.48 -6.26
C THR A 51 -8.72 -7.00 -6.69
N ILE A 52 -7.56 -6.53 -7.19
CA ILE A 52 -7.35 -5.12 -7.58
C ILE A 52 -8.29 -4.74 -8.74
N VAL A 53 -9.15 -3.76 -8.48
CA VAL A 53 -10.01 -3.16 -9.51
C VAL A 53 -9.28 -1.96 -10.15
N SER A 54 -8.60 -1.16 -9.30
CA SER A 54 -7.83 0.02 -9.72
C SER A 54 -6.71 0.31 -8.72
N VAL A 55 -5.57 0.83 -9.21
CA VAL A 55 -4.49 1.39 -8.39
C VAL A 55 -4.43 2.90 -8.65
N GLU A 56 -4.96 3.68 -7.72
CA GLU A 56 -4.96 5.16 -7.80
C GLU A 56 -3.78 5.71 -6.96
N ASP A 57 -3.31 6.92 -7.28
CA ASP A 57 -2.34 7.65 -6.45
C ASP A 57 -3.07 8.22 -5.22
N TRP A 58 -2.81 7.61 -4.04
CA TRP A 58 -3.44 8.05 -2.78
C TRP A 58 -2.78 9.35 -2.29
N GLU A 59 -3.48 10.47 -2.47
CA GLU A 59 -3.10 11.75 -1.87
C GLU A 59 -3.48 11.75 -0.38
N LYS A 60 -2.54 12.18 0.47
CA LYS A 60 -2.70 12.17 1.93
C LYS A 60 -3.72 13.22 2.42
N GLY A 61 -3.95 14.24 1.59
CA GLY A 61 -4.81 15.37 1.92
C GLY A 61 -3.97 16.60 2.26
N SER A 1 16.69 4.41 8.04
CA SER A 1 16.93 2.94 8.00
C SER A 1 17.46 2.47 9.36
N HIS A 2 16.93 1.32 9.84
CA HIS A 2 17.28 0.68 11.12
C HIS A 2 16.82 1.56 12.32
N MET A 3 15.90 1.01 13.14
CA MET A 3 15.17 1.73 14.20
C MET A 3 14.41 2.94 13.59
N PRO A 4 13.38 2.68 12.70
CA PRO A 4 12.60 3.75 12.02
C PRO A 4 11.60 4.42 12.98
N THR A 5 12.10 5.38 13.76
CA THR A 5 11.32 6.15 14.75
C THR A 5 10.65 7.36 14.07
N SER A 6 9.78 7.08 13.09
CA SER A 6 9.06 8.08 12.29
C SER A 6 7.57 7.78 12.36
N GLU A 7 6.77 8.73 12.89
CA GLU A 7 5.31 8.60 12.99
C GLU A 7 4.62 9.40 11.87
N GLU A 8 4.03 8.66 10.91
CA GLU A 8 3.30 9.22 9.74
C GLU A 8 2.37 8.09 9.18
N ASP A 9 1.61 8.38 8.11
CA ASP A 9 0.83 7.39 7.35
C ASP A 9 1.79 6.63 6.40
N LEU A 10 2.68 5.84 7.03
CA LEU A 10 3.74 5.09 6.35
C LEU A 10 3.21 3.76 5.81
N CYS A 11 3.95 3.18 4.85
CA CYS A 11 3.60 1.88 4.24
C CYS A 11 3.62 0.76 5.31
N PRO A 12 2.47 0.05 5.58
CA PRO A 12 2.40 -1.00 6.63
C PRO A 12 3.27 -2.25 6.31
N ILE A 13 3.76 -2.32 5.06
CA ILE A 13 4.53 -3.45 4.53
C ILE A 13 6.06 -3.19 4.58
N CYS A 14 6.46 -1.91 4.51
CA CYS A 14 7.90 -1.53 4.40
C CYS A 14 8.35 -0.73 5.64
N TYR A 15 7.42 0.14 6.10
CA TYR A 15 7.51 0.96 7.32
C TYR A 15 8.37 2.23 7.09
N ALA A 16 9.62 2.03 6.62
CA ALA A 16 10.61 3.11 6.43
C ALA A 16 10.14 4.20 5.44
N HIS A 17 9.46 3.77 4.36
CA HIS A 17 8.93 4.67 3.29
C HIS A 17 7.40 4.84 3.45
N PRO A 18 6.82 5.99 2.97
CA PRO A 18 5.36 6.29 3.11
C PRO A 18 4.47 5.48 2.15
N ILE A 19 3.21 5.89 2.07
CA ILE A 19 2.22 5.32 1.13
C ILE A 19 2.13 6.21 -0.13
N SER A 20 1.86 5.57 -1.29
CA SER A 20 1.72 6.25 -2.59
C SER A 20 0.83 5.41 -3.54
N ALA A 21 -0.05 4.58 -2.95
CA ALA A 21 -1.01 3.72 -3.68
C ALA A 21 -2.24 3.44 -2.81
N VAL A 22 -3.42 3.42 -3.45
CA VAL A 22 -4.70 3.11 -2.80
C VAL A 22 -5.51 2.18 -3.73
N PHE A 23 -5.80 0.97 -3.23
CA PHE A 23 -6.46 -0.10 -4.00
C PHE A 23 -7.97 0.11 -3.91
N GLN A 24 -8.50 0.82 -4.91
CA GLN A 24 -9.93 1.17 -5.00
C GLN A 24 -10.76 0.01 -5.60
N PRO A 25 -12.08 -0.09 -5.23
CA PRO A 25 -12.80 0.83 -4.29
C PRO A 25 -12.73 0.40 -2.81
N CYS A 26 -11.77 -0.49 -2.47
CA CYS A 26 -11.62 -1.04 -1.11
C CYS A 26 -11.24 0.04 -0.08
N GLY A 27 -10.05 0.63 -0.24
CA GLY A 27 -9.54 1.62 0.71
C GLY A 27 -8.16 1.29 1.26
N HIS A 28 -7.74 -0.01 1.18
CA HIS A 28 -6.39 -0.44 1.63
C HIS A 28 -5.31 0.28 0.82
N LYS A 29 -4.20 0.60 1.49
CA LYS A 29 -3.13 1.47 0.95
C LYS A 29 -1.75 0.87 1.27
N SER A 30 -0.76 1.28 0.46
CA SER A 30 0.67 1.00 0.66
C SER A 30 1.49 1.87 -0.31
N CYS A 31 2.83 1.76 -0.27
CA CYS A 31 3.69 2.40 -1.28
C CYS A 31 3.46 1.69 -2.63
N LYS A 32 3.45 2.44 -3.75
CA LYS A 32 3.13 1.88 -5.09
C LYS A 32 4.15 0.81 -5.55
N ALA A 33 5.35 0.86 -4.96
CA ALA A 33 6.40 -0.15 -5.17
C ALA A 33 5.91 -1.56 -4.76
N CYS A 34 5.12 -1.61 -3.66
CA CYS A 34 4.50 -2.86 -3.13
C CYS A 34 3.59 -3.51 -4.18
N ILE A 35 2.61 -2.76 -4.70
CA ILE A 35 1.58 -3.31 -5.61
C ILE A 35 2.17 -3.59 -7.00
N ASN A 36 3.12 -2.76 -7.45
CA ASN A 36 3.83 -2.97 -8.73
C ASN A 36 4.62 -4.30 -8.70
N GLN A 37 5.27 -4.57 -7.55
CA GLN A 37 6.02 -5.81 -7.29
C GLN A 37 5.05 -7.00 -7.03
N HIS A 38 3.87 -6.68 -6.50
CA HIS A 38 2.83 -7.67 -6.14
C HIS A 38 2.22 -8.29 -7.40
N LEU A 39 1.89 -7.42 -8.39
CA LEU A 39 1.21 -7.82 -9.65
C LEU A 39 2.05 -8.81 -10.48
N MET A 40 3.36 -8.87 -10.20
CA MET A 40 4.31 -9.85 -10.78
C MET A 40 3.93 -11.30 -10.43
N ASN A 41 3.34 -11.50 -9.23
CA ASN A 41 2.98 -12.85 -8.72
C ASN A 41 1.45 -12.98 -8.54
N ASN A 42 0.86 -12.09 -7.72
CA ASN A 42 -0.60 -12.11 -7.36
C ASN A 42 -1.27 -10.77 -7.73
N LYS A 43 -2.60 -10.76 -7.86
CA LYS A 43 -3.39 -9.52 -8.09
C LYS A 43 -4.49 -9.42 -7.03
N ASP A 44 -4.05 -9.28 -5.77
CA ASP A 44 -4.94 -9.27 -4.59
C ASP A 44 -4.64 -8.04 -3.71
N CYS A 45 -5.60 -7.63 -2.88
CA CYS A 45 -5.50 -6.41 -2.02
C CYS A 45 -4.85 -6.73 -0.67
N PHE A 46 -3.83 -7.63 -0.70
CA PHE A 46 -2.98 -7.99 0.43
C PHE A 46 -3.77 -8.53 1.65
N PHE A 47 -4.25 -7.59 2.49
CA PHE A 47 -4.76 -7.84 3.84
C PHE A 47 -6.15 -8.50 3.80
N CYS A 48 -7.01 -8.05 2.87
CA CYS A 48 -8.38 -8.56 2.71
C CYS A 48 -8.50 -9.44 1.45
N LYS A 49 -7.39 -9.54 0.68
CA LYS A 49 -7.26 -10.38 -0.54
C LYS A 49 -8.14 -9.94 -1.74
N THR A 50 -9.00 -8.90 -1.59
CA THR A 50 -9.93 -8.44 -2.67
C THR A 50 -9.16 -8.20 -3.99
N THR A 51 -9.56 -8.91 -5.05
CA THR A 51 -8.88 -8.84 -6.37
C THR A 51 -8.75 -7.37 -6.84
N ILE A 52 -7.51 -6.96 -7.20
CA ILE A 52 -7.19 -5.58 -7.58
C ILE A 52 -8.01 -5.14 -8.80
N VAL A 53 -9.05 -4.35 -8.53
CA VAL A 53 -9.88 -3.72 -9.57
C VAL A 53 -9.10 -2.56 -10.19
N SER A 54 -8.66 -1.62 -9.33
CA SER A 54 -7.88 -0.44 -9.74
C SER A 54 -7.00 0.06 -8.59
N VAL A 55 -5.88 0.72 -8.96
CA VAL A 55 -4.94 1.37 -8.03
C VAL A 55 -4.73 2.82 -8.48
N GLU A 56 -4.93 3.76 -7.54
CA GLU A 56 -4.64 5.18 -7.75
C GLU A 56 -3.41 5.57 -6.93
N ASP A 57 -2.57 6.46 -7.47
CA ASP A 57 -1.41 7.02 -6.73
C ASP A 57 -1.93 7.87 -5.57
N TRP A 58 -1.82 7.34 -4.33
CA TRP A 58 -2.21 8.08 -3.13
C TRP A 58 -1.24 9.25 -2.90
N GLU A 59 -1.66 10.42 -3.40
CA GLU A 59 -0.89 11.67 -3.32
C GLU A 59 -1.28 12.43 -2.04
N LYS A 60 -0.31 12.60 -1.13
CA LYS A 60 -0.53 13.30 0.15
C LYS A 60 -0.70 14.82 -0.08
N GLY A 61 -1.54 15.46 0.74
CA GLY A 61 -1.85 16.89 0.59
C GLY A 61 -2.81 17.19 -0.57
N SER A 1 13.90 -5.80 13.04
CA SER A 1 15.12 -4.99 13.22
C SER A 1 14.77 -3.66 13.91
N HIS A 2 15.67 -3.17 14.78
CA HIS A 2 15.50 -1.88 15.49
C HIS A 2 15.35 -0.72 14.50
N MET A 3 14.19 -0.05 14.54
CA MET A 3 13.88 1.13 13.71
C MET A 3 12.64 1.84 14.31
N PRO A 4 12.82 2.69 15.36
CA PRO A 4 11.72 3.45 16.00
C PRO A 4 11.45 4.79 15.29
N THR A 5 10.66 5.67 15.94
CA THR A 5 10.40 7.07 15.50
C THR A 5 9.50 7.14 14.22
N SER A 6 9.20 5.97 13.63
CA SER A 6 8.50 5.86 12.36
C SER A 6 6.98 6.03 12.55
N GLU A 7 6.53 7.31 12.58
CA GLU A 7 5.12 7.67 12.80
C GLU A 7 4.64 8.62 11.67
N GLU A 8 3.92 8.03 10.70
CA GLU A 8 3.35 8.75 9.53
C GLU A 8 2.27 7.87 8.86
N ASP A 9 1.82 8.28 7.66
CA ASP A 9 0.97 7.45 6.78
C ASP A 9 1.87 6.43 6.06
N LEU A 10 2.51 5.56 6.86
CA LEU A 10 3.52 4.61 6.41
C LEU A 10 2.90 3.34 5.86
N CYS A 11 3.64 2.69 4.97
CA CYS A 11 3.32 1.36 4.45
C CYS A 11 3.45 0.33 5.59
N PRO A 12 2.33 -0.33 6.04
CA PRO A 12 2.37 -1.34 7.15
C PRO A 12 3.21 -2.60 6.80
N ILE A 13 3.63 -2.70 5.53
CA ILE A 13 4.51 -3.76 5.03
C ILE A 13 6.00 -3.38 5.30
N CYS A 14 6.35 -2.10 4.99
CA CYS A 14 7.77 -1.65 4.89
C CYS A 14 8.19 -0.77 6.07
N TYR A 15 7.34 0.23 6.43
CA TYR A 15 7.52 1.19 7.56
C TYR A 15 8.54 2.32 7.25
N ALA A 16 9.65 1.98 6.57
CA ALA A 16 10.74 2.95 6.25
C ALA A 16 10.30 4.05 5.25
N HIS A 17 9.22 3.78 4.49
CA HIS A 17 8.69 4.71 3.48
C HIS A 17 7.15 4.78 3.61
N PRO A 18 6.50 5.93 3.21
CA PRO A 18 5.03 6.11 3.33
C PRO A 18 4.21 5.28 2.31
N ILE A 19 2.93 5.64 2.19
CA ILE A 19 2.01 5.10 1.19
C ILE A 19 1.99 6.04 -0.02
N SER A 20 1.83 5.48 -1.24
CA SER A 20 1.75 6.26 -2.50
C SER A 20 0.82 5.58 -3.52
N ALA A 21 0.08 4.53 -3.09
CA ALA A 21 -0.84 3.77 -3.95
C ALA A 21 -2.10 3.37 -3.18
N VAL A 22 -3.26 3.43 -3.87
CA VAL A 22 -4.57 3.03 -3.33
C VAL A 22 -5.14 1.86 -4.15
N PHE A 23 -5.71 0.88 -3.45
CA PHE A 23 -6.26 -0.35 -4.05
C PHE A 23 -7.78 -0.20 -4.19
N GLN A 24 -8.19 0.38 -5.32
CA GLN A 24 -9.60 0.68 -5.60
C GLN A 24 -10.35 -0.57 -6.13
N PRO A 25 -11.68 -0.71 -5.81
CA PRO A 25 -12.47 0.25 -5.00
C PRO A 25 -12.59 -0.18 -3.51
N CYS A 26 -11.63 -1.00 -3.02
CA CYS A 26 -11.63 -1.49 -1.63
C CYS A 26 -11.30 -0.36 -0.65
N GLY A 27 -10.21 0.38 -0.94
CA GLY A 27 -9.77 1.51 -0.11
C GLY A 27 -8.50 1.24 0.68
N HIS A 28 -8.07 -0.04 0.75
CA HIS A 28 -6.77 -0.41 1.36
C HIS A 28 -5.61 0.18 0.56
N LYS A 29 -4.56 0.60 1.26
CA LYS A 29 -3.46 1.41 0.69
C LYS A 29 -2.09 0.88 1.15
N SER A 30 -1.08 1.06 0.29
CA SER A 30 0.31 0.65 0.55
C SER A 30 1.26 1.48 -0.35
N CYS A 31 2.58 1.32 -0.15
CA CYS A 31 3.57 1.99 -1.00
C CYS A 31 3.51 1.41 -2.41
N LYS A 32 3.78 2.25 -3.41
CA LYS A 32 3.66 1.89 -4.83
C LYS A 32 4.62 0.75 -5.21
N ALA A 33 5.76 0.65 -4.50
CA ALA A 33 6.77 -0.40 -4.71
C ALA A 33 6.21 -1.82 -4.44
N CYS A 34 5.42 -1.95 -3.34
CA CYS A 34 4.77 -3.23 -2.96
C CYS A 34 3.91 -3.78 -4.11
N ILE A 35 2.95 -2.95 -4.57
CA ILE A 35 1.96 -3.38 -5.57
C ILE A 35 2.59 -3.51 -6.98
N ASN A 36 3.57 -2.64 -7.29
CA ASN A 36 4.32 -2.68 -8.58
C ASN A 36 4.97 -4.06 -8.77
N GLN A 37 5.63 -4.53 -7.71
CA GLN A 37 6.26 -5.85 -7.67
C GLN A 37 5.20 -6.97 -7.71
N HIS A 38 4.09 -6.74 -6.99
CA HIS A 38 3.03 -7.74 -6.77
C HIS A 38 2.15 -7.95 -8.02
N LEU A 39 2.08 -6.96 -8.93
CA LEU A 39 1.26 -7.06 -10.17
C LEU A 39 1.72 -8.20 -11.10
N MET A 40 2.99 -8.61 -10.93
CA MET A 40 3.56 -9.77 -11.63
C MET A 40 3.05 -11.10 -11.01
N ASN A 41 2.78 -11.05 -9.69
CA ASN A 41 2.24 -12.20 -8.93
C ASN A 41 0.70 -12.24 -9.08
N ASN A 42 0.00 -11.32 -8.35
CA ASN A 42 -1.46 -11.21 -8.29
C ASN A 42 -1.88 -9.73 -8.25
N LYS A 43 -3.15 -9.46 -7.93
CA LYS A 43 -3.68 -8.10 -7.72
C LYS A 43 -4.68 -8.15 -6.56
N ASP A 44 -4.16 -7.99 -5.34
CA ASP A 44 -4.97 -7.99 -4.11
C ASP A 44 -4.32 -7.15 -3.01
N CYS A 45 -5.13 -6.78 -2.01
CA CYS A 45 -4.66 -6.10 -0.80
C CYS A 45 -3.66 -6.98 -0.04
N PHE A 46 -2.61 -6.37 0.53
CA PHE A 46 -1.65 -7.05 1.43
C PHE A 46 -2.22 -7.13 2.88
N PHE A 47 -3.57 -7.11 2.99
CA PHE A 47 -4.30 -6.94 4.26
C PHE A 47 -5.51 -7.89 4.28
N CYS A 48 -6.58 -7.50 3.55
CA CYS A 48 -7.86 -8.27 3.49
C CYS A 48 -7.89 -9.22 2.28
N LYS A 49 -6.82 -9.18 1.45
CA LYS A 49 -6.61 -10.06 0.26
C LYS A 49 -7.67 -9.87 -0.86
N THR A 50 -8.53 -8.82 -0.75
CA THR A 50 -9.54 -8.50 -1.79
C THR A 50 -8.87 -8.07 -3.11
N THR A 51 -9.30 -8.71 -4.22
CA THR A 51 -8.81 -8.42 -5.57
C THR A 51 -9.04 -6.94 -5.95
N ILE A 52 -7.99 -6.31 -6.51
CA ILE A 52 -8.00 -4.90 -6.89
C ILE A 52 -8.56 -4.76 -8.31
N VAL A 53 -9.66 -3.99 -8.45
CA VAL A 53 -10.32 -3.74 -9.75
C VAL A 53 -9.53 -2.65 -10.52
N SER A 54 -8.99 -1.65 -9.79
CA SER A 54 -8.14 -0.60 -10.36
C SER A 54 -7.05 -0.18 -9.36
N VAL A 55 -5.80 -0.11 -9.83
CA VAL A 55 -4.65 0.35 -9.03
C VAL A 55 -4.36 1.81 -9.42
N GLU A 56 -4.60 2.73 -8.49
CA GLU A 56 -4.26 4.15 -8.65
C GLU A 56 -3.25 4.58 -7.60
N ASP A 57 -2.89 5.87 -7.64
CA ASP A 57 -1.95 6.48 -6.68
C ASP A 57 -2.72 7.24 -5.60
N TRP A 58 -2.03 7.56 -4.51
CA TRP A 58 -2.59 8.30 -3.38
C TRP A 58 -1.55 9.31 -2.88
N GLU A 59 -1.84 10.60 -3.07
CA GLU A 59 -0.97 11.70 -2.61
C GLU A 59 -1.21 11.96 -1.11
N LYS A 60 -0.16 12.44 -0.45
CA LYS A 60 -0.16 12.82 0.97
C LYS A 60 0.96 13.85 1.17
N GLY A 61 0.64 14.99 1.81
CA GLY A 61 1.63 16.04 2.08
C GLY A 61 2.53 15.66 3.25
N SER A 1 8.15 -2.41 15.61
CA SER A 1 7.95 -1.48 14.50
C SER A 1 8.17 -0.05 14.98
N HIS A 2 8.93 0.73 14.19
CA HIS A 2 9.29 2.13 14.50
C HIS A 2 9.11 3.01 13.26
N MET A 3 9.40 4.32 13.43
CA MET A 3 9.53 5.28 12.32
C MET A 3 11.04 5.40 11.99
N PRO A 4 11.57 4.62 10.99
CA PRO A 4 13.03 4.52 10.74
C PRO A 4 13.57 5.60 9.78
N THR A 5 12.74 6.63 9.49
CA THR A 5 13.11 7.75 8.63
C THR A 5 12.43 9.05 9.13
N SER A 6 11.15 9.25 8.76
CA SER A 6 10.36 10.46 9.09
C SER A 6 8.86 10.18 8.85
N GLU A 7 8.01 11.15 9.28
CA GLU A 7 6.57 11.23 8.93
C GLU A 7 5.73 10.05 9.48
N GLU A 8 4.43 10.09 9.14
CA GLU A 8 3.45 9.04 9.47
C GLU A 8 2.92 8.43 8.14
N ASP A 9 1.76 7.71 8.21
CA ASP A 9 1.16 7.01 7.04
C ASP A 9 2.15 6.00 6.43
N LEU A 10 3.07 5.50 7.27
CA LEU A 10 4.16 4.61 6.85
C LEU A 10 3.60 3.28 6.34
N CYS A 11 4.04 2.87 5.13
CA CYS A 11 3.63 1.62 4.47
C CYS A 11 3.79 0.44 5.45
N PRO A 12 2.68 -0.24 5.88
CA PRO A 12 2.71 -1.30 6.96
C PRO A 12 3.67 -2.48 6.66
N ILE A 13 4.10 -2.58 5.38
CA ILE A 13 5.05 -3.58 4.91
C ILE A 13 6.51 -3.06 5.07
N CYS A 14 6.73 -1.77 4.71
CA CYS A 14 8.08 -1.17 4.57
C CYS A 14 8.47 -0.31 5.79
N TYR A 15 7.61 0.69 6.11
CA TYR A 15 7.77 1.68 7.21
C TYR A 15 8.78 2.81 6.88
N ALA A 16 9.83 2.52 6.08
CA ALA A 16 10.85 3.54 5.71
C ALA A 16 10.25 4.74 4.95
N HIS A 17 9.24 4.45 4.11
CA HIS A 17 8.51 5.45 3.31
C HIS A 17 6.99 5.27 3.54
N PRO A 18 6.16 6.34 3.35
CA PRO A 18 4.69 6.28 3.53
C PRO A 18 3.93 5.58 2.36
N ILE A 19 2.62 5.85 2.28
CA ILE A 19 1.73 5.34 1.22
C ILE A 19 1.92 6.14 -0.09
N SER A 20 1.95 5.42 -1.23
CA SER A 20 2.05 6.02 -2.57
C SER A 20 0.73 5.85 -3.35
N ALA A 21 -0.02 4.77 -3.02
CA ALA A 21 -1.12 4.28 -3.85
C ALA A 21 -2.24 3.66 -2.98
N VAL A 22 -3.47 3.68 -3.52
CA VAL A 22 -4.68 3.12 -2.88
C VAL A 22 -5.33 2.08 -3.82
N PHE A 23 -5.53 0.86 -3.29
CA PHE A 23 -6.17 -0.26 -4.01
C PHE A 23 -7.70 -0.05 -4.02
N GLN A 24 -8.20 0.56 -5.10
CA GLN A 24 -9.62 0.94 -5.21
C GLN A 24 -10.42 -0.11 -6.00
N PRO A 25 -11.79 -0.21 -5.79
CA PRO A 25 -12.59 0.67 -4.88
C PRO A 25 -12.62 0.23 -3.39
N CYS A 26 -11.65 -0.62 -2.98
CA CYS A 26 -11.60 -1.15 -1.60
C CYS A 26 -11.27 -0.04 -0.57
N GLY A 27 -10.06 0.53 -0.64
CA GLY A 27 -9.63 1.60 0.28
C GLY A 27 -8.33 1.31 1.01
N HIS A 28 -7.89 0.02 1.05
CA HIS A 28 -6.56 -0.35 1.58
C HIS A 28 -5.46 0.27 0.73
N LYS A 29 -4.34 0.56 1.37
CA LYS A 29 -3.27 1.38 0.80
C LYS A 29 -1.89 0.78 1.12
N SER A 30 -0.90 1.22 0.34
CA SER A 30 0.52 0.82 0.46
C SER A 30 1.36 1.67 -0.50
N CYS A 31 2.68 1.46 -0.50
CA CYS A 31 3.58 2.11 -1.46
C CYS A 31 3.50 1.37 -2.81
N LYS A 32 3.78 2.09 -3.91
CA LYS A 32 3.62 1.56 -5.29
C LYS A 32 4.62 0.44 -5.59
N ALA A 33 5.75 0.43 -4.85
CA ALA A 33 6.80 -0.61 -4.98
C ALA A 33 6.28 -1.99 -4.55
N CYS A 34 5.51 -2.03 -3.43
CA CYS A 34 4.87 -3.26 -2.91
C CYS A 34 3.97 -3.89 -3.98
N ILE A 35 3.03 -3.09 -4.51
CA ILE A 35 2.02 -3.57 -5.45
C ILE A 35 2.63 -3.80 -6.86
N ASN A 36 3.76 -3.13 -7.17
CA ASN A 36 4.51 -3.36 -8.43
C ASN A 36 5.04 -4.81 -8.46
N GLN A 37 5.78 -5.15 -7.40
CA GLN A 37 6.39 -6.48 -7.21
C GLN A 37 5.31 -7.56 -6.92
N HIS A 38 4.12 -7.10 -6.48
CA HIS A 38 2.98 -7.97 -6.17
C HIS A 38 2.21 -8.36 -7.46
N LEU A 39 1.99 -7.38 -8.38
CA LEU A 39 1.15 -7.57 -9.58
C LEU A 39 1.75 -8.57 -10.58
N MET A 40 3.09 -8.75 -10.54
CA MET A 40 3.77 -9.77 -11.37
C MET A 40 3.44 -11.21 -10.89
N ASN A 41 3.00 -11.32 -9.62
CA ASN A 41 2.66 -12.60 -8.98
C ASN A 41 1.13 -12.73 -8.85
N ASN A 42 0.56 -11.96 -7.91
CA ASN A 42 -0.89 -11.99 -7.58
C ASN A 42 -1.56 -10.66 -7.99
N LYS A 43 -2.87 -10.49 -7.66
CA LYS A 43 -3.62 -9.25 -7.98
C LYS A 43 -4.54 -8.85 -6.80
N ASP A 44 -4.29 -9.42 -5.61
CA ASP A 44 -5.15 -9.21 -4.44
C ASP A 44 -4.70 -7.97 -3.62
N CYS A 45 -5.60 -7.51 -2.74
CA CYS A 45 -5.47 -6.25 -1.97
C CYS A 45 -4.77 -6.46 -0.60
N PHE A 46 -3.84 -7.43 -0.54
CA PHE A 46 -2.99 -7.73 0.64
C PHE A 46 -3.81 -8.06 1.92
N PHE A 47 -4.25 -6.99 2.61
CA PHE A 47 -4.80 -7.02 3.98
C PHE A 47 -6.18 -7.74 4.04
N CYS A 48 -6.90 -7.76 2.92
CA CYS A 48 -8.26 -8.35 2.84
C CYS A 48 -8.39 -9.31 1.64
N LYS A 49 -7.34 -9.34 0.78
CA LYS A 49 -7.25 -10.23 -0.40
C LYS A 49 -8.33 -9.96 -1.49
N THR A 50 -9.05 -8.81 -1.38
CA THR A 50 -10.06 -8.41 -2.39
C THR A 50 -9.38 -8.15 -3.77
N THR A 51 -9.96 -8.70 -4.84
CA THR A 51 -9.43 -8.53 -6.21
C THR A 51 -9.40 -7.04 -6.60
N ILE A 52 -8.21 -6.54 -6.91
CA ILE A 52 -8.02 -5.13 -7.28
C ILE A 52 -8.41 -4.94 -8.76
N VAL A 53 -9.38 -4.03 -9.00
CA VAL A 53 -9.81 -3.67 -10.36
C VAL A 53 -8.83 -2.62 -10.94
N SER A 54 -8.36 -1.68 -10.08
CA SER A 54 -7.35 -0.67 -10.44
C SER A 54 -6.82 0.05 -9.17
N VAL A 55 -5.48 0.25 -9.12
CA VAL A 55 -4.79 0.95 -8.03
C VAL A 55 -4.57 2.42 -8.41
N GLU A 56 -5.23 3.35 -7.72
CA GLU A 56 -5.02 4.80 -7.94
C GLU A 56 -3.83 5.29 -7.11
N ASP A 57 -3.43 6.55 -7.32
CA ASP A 57 -2.38 7.21 -6.51
C ASP A 57 -3.02 7.85 -5.27
N TRP A 58 -2.42 7.69 -4.08
CA TRP A 58 -2.89 8.33 -2.85
C TRP A 58 -1.80 9.28 -2.32
N GLU A 59 -2.15 10.59 -2.21
CA GLU A 59 -1.25 11.64 -1.69
C GLU A 59 -2.05 12.58 -0.77
N LYS A 60 -1.41 13.03 0.32
CA LYS A 60 -1.97 14.05 1.24
C LYS A 60 -1.75 15.45 0.62
N GLY A 61 -2.62 15.79 -0.33
CA GLY A 61 -2.54 17.04 -1.07
C GLY A 61 -3.22 16.91 -2.44
N SER A 1 11.57 4.37 25.98
CA SER A 1 11.65 3.47 24.81
C SER A 1 12.84 3.88 23.92
N HIS A 2 13.34 2.89 23.15
CA HIS A 2 14.44 3.08 22.20
C HIS A 2 13.92 3.14 20.76
N MET A 3 12.62 2.80 20.60
CA MET A 3 11.92 2.77 19.30
C MET A 3 11.01 4.02 19.19
N PRO A 4 11.39 5.07 18.38
CA PRO A 4 10.61 6.34 18.27
C PRO A 4 9.46 6.26 17.23
N THR A 5 8.54 5.32 17.46
CA THR A 5 7.43 5.00 16.54
C THR A 5 6.45 6.19 16.41
N SER A 6 6.38 6.77 15.20
CA SER A 6 5.52 7.93 14.90
C SER A 6 5.13 7.91 13.41
N GLU A 7 3.97 7.29 13.10
CA GLU A 7 3.42 7.26 11.74
C GLU A 7 2.81 8.62 11.38
N GLU A 8 3.11 9.12 10.19
CA GLU A 8 2.44 10.28 9.56
C GLU A 8 1.66 9.78 8.33
N ASP A 9 1.07 8.56 8.50
CA ASP A 9 0.48 7.71 7.46
C ASP A 9 1.61 7.04 6.65
N LEU A 10 2.19 5.99 7.26
CA LEU A 10 3.27 5.18 6.67
C LEU A 10 2.69 3.95 5.94
N CYS A 11 3.47 3.40 4.99
CA CYS A 11 3.10 2.15 4.27
C CYS A 11 3.12 0.98 5.29
N PRO A 12 1.96 0.30 5.56
CA PRO A 12 1.85 -0.78 6.61
C PRO A 12 2.82 -1.99 6.38
N ILE A 13 3.34 -2.10 5.15
CA ILE A 13 4.32 -3.12 4.77
C ILE A 13 5.77 -2.62 5.04
N CYS A 14 6.04 -1.37 4.64
CA CYS A 14 7.41 -0.83 4.57
C CYS A 14 7.81 -0.14 5.89
N TYR A 15 6.98 0.84 6.30
CA TYR A 15 7.20 1.75 7.47
C TYR A 15 8.28 2.82 7.18
N ALA A 16 9.39 2.42 6.54
CA ALA A 16 10.53 3.30 6.21
C ALA A 16 10.12 4.44 5.24
N HIS A 17 9.13 4.17 4.38
CA HIS A 17 8.56 5.15 3.43
C HIS A 17 7.02 5.25 3.64
N PRO A 18 6.40 6.44 3.34
CA PRO A 18 4.95 6.69 3.55
C PRO A 18 4.03 5.94 2.56
N ILE A 19 2.75 6.38 2.50
CA ILE A 19 1.75 5.85 1.54
C ILE A 19 1.85 6.60 0.20
N SER A 20 1.93 5.83 -0.91
CA SER A 20 2.00 6.38 -2.28
C SER A 20 0.99 5.65 -3.21
N ALA A 21 0.14 4.76 -2.64
CA ALA A 21 -0.84 3.97 -3.43
C ALA A 21 -2.05 3.56 -2.57
N VAL A 22 -3.14 3.20 -3.25
CA VAL A 22 -4.38 2.73 -2.65
C VAL A 22 -5.02 1.68 -3.59
N PHE A 23 -5.57 0.61 -3.00
CA PHE A 23 -6.25 -0.47 -3.74
C PHE A 23 -7.75 -0.18 -3.70
N GLN A 24 -8.22 0.60 -4.68
CA GLN A 24 -9.62 1.04 -4.75
C GLN A 24 -10.51 -0.02 -5.44
N PRO A 25 -11.83 -0.10 -5.05
CA PRO A 25 -12.50 0.79 -4.03
C PRO A 25 -12.47 0.24 -2.58
N CYS A 26 -11.51 -0.66 -2.28
CA CYS A 26 -11.36 -1.26 -0.94
C CYS A 26 -10.89 -0.22 0.09
N GLY A 27 -9.81 0.51 -0.24
CA GLY A 27 -9.27 1.56 0.63
C GLY A 27 -7.98 1.19 1.35
N HIS A 28 -7.53 -0.08 1.23
CA HIS A 28 -6.23 -0.52 1.77
C HIS A 28 -5.09 0.25 1.08
N LYS A 29 -4.22 0.84 1.90
CA LYS A 29 -3.14 1.71 1.45
C LYS A 29 -1.79 0.96 1.45
N SER A 30 -0.85 1.47 0.64
CA SER A 30 0.53 0.97 0.56
C SER A 30 1.36 1.98 -0.27
N CYS A 31 2.47 1.54 -0.86
CA CYS A 31 3.23 2.33 -1.83
C CYS A 31 3.20 1.60 -3.18
N LYS A 32 3.50 2.34 -4.27
CA LYS A 32 3.50 1.79 -5.66
C LYS A 32 4.46 0.59 -5.77
N ALA A 33 5.64 0.69 -5.11
CA ALA A 33 6.68 -0.38 -5.12
C ALA A 33 6.13 -1.76 -4.66
N CYS A 34 5.28 -1.75 -3.60
CA CYS A 34 4.66 -2.97 -3.02
C CYS A 34 3.79 -3.70 -4.08
N ILE A 35 2.81 -2.96 -4.65
CA ILE A 35 1.79 -3.56 -5.53
C ILE A 35 2.38 -3.93 -6.91
N ASN A 36 3.33 -3.12 -7.41
CA ASN A 36 4.01 -3.38 -8.70
C ASN A 36 4.78 -4.71 -8.67
N GLN A 37 5.55 -4.92 -7.60
CA GLN A 37 6.31 -6.17 -7.36
C GLN A 37 5.33 -7.38 -7.22
N HIS A 38 4.16 -7.10 -6.61
CA HIS A 38 3.12 -8.10 -6.33
C HIS A 38 2.36 -8.52 -7.61
N LEU A 39 2.11 -7.56 -8.53
CA LEU A 39 1.30 -7.79 -9.76
C LEU A 39 1.95 -8.80 -10.72
N MET A 40 3.26 -9.05 -10.53
CA MET A 40 4.00 -10.08 -11.28
C MET A 40 3.51 -11.50 -10.91
N ASN A 41 3.02 -11.66 -9.68
CA ASN A 41 2.46 -12.93 -9.16
C ASN A 41 0.92 -12.85 -9.11
N ASN A 42 0.39 -12.08 -8.14
CA ASN A 42 -1.07 -12.01 -7.86
C ASN A 42 -1.60 -10.60 -8.13
N LYS A 43 -2.94 -10.48 -8.22
CA LYS A 43 -3.65 -9.21 -8.40
C LYS A 43 -4.69 -9.05 -7.27
N ASP A 44 -4.25 -9.34 -6.03
CA ASP A 44 -5.09 -9.19 -4.82
C ASP A 44 -4.61 -8.00 -3.97
N CYS A 45 -5.44 -7.63 -2.99
CA CYS A 45 -5.28 -6.41 -2.17
C CYS A 45 -4.50 -6.70 -0.85
N PHE A 46 -3.55 -7.67 -0.91
CA PHE A 46 -2.64 -8.06 0.19
C PHE A 46 -3.40 -8.53 1.45
N PHE A 47 -3.80 -7.55 2.26
CA PHE A 47 -4.25 -7.74 3.66
C PHE A 47 -5.61 -8.44 3.74
N CYS A 48 -6.49 -8.18 2.74
CA CYS A 48 -7.85 -8.76 2.70
C CYS A 48 -8.06 -9.62 1.42
N LYS A 49 -7.04 -9.60 0.52
CA LYS A 49 -7.02 -10.38 -0.74
C LYS A 49 -8.17 -10.05 -1.73
N THR A 50 -8.83 -8.88 -1.58
CA THR A 50 -9.85 -8.40 -2.54
C THR A 50 -9.20 -8.17 -3.92
N THR A 51 -9.88 -8.59 -5.00
CA THR A 51 -9.41 -8.41 -6.38
C THR A 51 -9.21 -6.91 -6.67
N ILE A 52 -8.04 -6.56 -7.21
CA ILE A 52 -7.70 -5.18 -7.57
C ILE A 52 -8.59 -4.70 -8.73
N VAL A 53 -9.61 -3.90 -8.40
CA VAL A 53 -10.46 -3.23 -9.40
C VAL A 53 -9.67 -2.07 -10.04
N SER A 54 -8.86 -1.39 -9.21
CA SER A 54 -7.94 -0.33 -9.67
C SER A 54 -6.79 -0.10 -8.66
N VAL A 55 -5.55 -0.04 -9.19
CA VAL A 55 -4.40 0.52 -8.47
C VAL A 55 -4.34 2.01 -8.78
N GLU A 56 -4.49 2.84 -7.76
CA GLU A 56 -4.42 4.30 -7.91
C GLU A 56 -3.34 4.84 -6.99
N ASP A 57 -2.52 5.76 -7.53
CA ASP A 57 -1.51 6.51 -6.78
C ASP A 57 -2.19 7.34 -5.68
N TRP A 58 -1.42 7.73 -4.65
CA TRP A 58 -1.95 8.47 -3.51
C TRP A 58 -0.89 9.45 -2.98
N GLU A 59 -1.33 10.65 -2.58
CA GLU A 59 -0.45 11.76 -2.19
C GLU A 59 -0.88 12.33 -0.84
N LYS A 60 0.10 12.81 -0.05
CA LYS A 60 -0.14 13.52 1.21
C LYS A 60 -0.67 14.95 0.92
N GLY A 61 -0.08 15.59 -0.10
CA GLY A 61 -0.44 16.95 -0.53
C GLY A 61 0.74 17.89 -0.36
N SER A 1 19.02 16.90 21.87
CA SER A 1 18.24 15.67 21.66
C SER A 1 18.69 14.95 20.39
N HIS A 2 18.88 13.62 20.49
CA HIS A 2 19.16 12.75 19.32
C HIS A 2 17.93 11.86 19.07
N MET A 3 17.90 11.21 17.89
CA MET A 3 16.81 10.31 17.45
C MET A 3 15.45 11.06 17.35
N PRO A 4 15.11 11.63 16.16
CA PRO A 4 13.80 12.25 15.93
C PRO A 4 12.75 11.17 15.62
N THR A 5 12.04 10.73 16.68
CA THR A 5 11.03 9.65 16.59
C THR A 5 9.83 10.12 15.74
N SER A 6 9.34 9.25 14.85
CA SER A 6 8.30 9.56 13.88
C SER A 6 7.29 8.39 13.76
N GLU A 7 6.15 8.51 14.48
CA GLU A 7 4.99 7.65 14.27
C GLU A 7 4.15 8.27 13.15
N GLU A 8 4.31 7.71 11.94
CA GLU A 8 3.82 8.31 10.69
C GLU A 8 2.89 7.31 9.97
N ASP A 9 2.37 7.70 8.78
CA ASP A 9 1.42 6.90 7.96
C ASP A 9 2.14 5.76 7.20
N LEU A 10 3.12 5.10 7.85
CA LEU A 10 4.08 4.20 7.19
C LEU A 10 3.40 2.94 6.64
N CYS A 11 3.79 2.57 5.39
CA CYS A 11 3.35 1.33 4.74
C CYS A 11 3.76 0.12 5.62
N PRO A 12 2.79 -0.67 6.19
CA PRO A 12 3.08 -1.80 7.15
C PRO A 12 4.04 -2.87 6.58
N ILE A 13 4.12 -2.91 5.24
CA ILE A 13 4.92 -3.89 4.48
C ILE A 13 6.43 -3.50 4.48
N CYS A 14 6.73 -2.18 4.60
CA CYS A 14 8.04 -1.61 4.21
C CYS A 14 8.63 -0.67 5.28
N TYR A 15 7.76 0.19 5.88
CA TYR A 15 8.09 1.18 6.95
C TYR A 15 8.78 2.45 6.41
N ALA A 16 9.67 2.31 5.42
CA ALA A 16 10.57 3.39 4.98
C ALA A 16 9.87 4.51 4.15
N HIS A 17 8.58 4.32 3.78
CA HIS A 17 7.78 5.37 3.08
C HIS A 17 6.32 5.37 3.62
N PRO A 18 5.71 6.58 3.86
CA PRO A 18 4.33 6.70 4.40
C PRO A 18 3.23 6.71 3.30
N ILE A 19 2.86 5.50 2.80
CA ILE A 19 1.83 5.29 1.73
C ILE A 19 2.26 5.95 0.37
N SER A 20 1.72 5.43 -0.75
CA SER A 20 1.92 6.03 -2.08
C SER A 20 0.83 5.57 -3.09
N ALA A 21 -0.03 4.59 -2.70
CA ALA A 21 -1.03 4.00 -3.62
C ALA A 21 -2.25 3.48 -2.83
N VAL A 22 -3.46 3.84 -3.31
CA VAL A 22 -4.75 3.33 -2.78
C VAL A 22 -5.31 2.25 -3.72
N PHE A 23 -5.73 1.12 -3.12
CA PHE A 23 -6.28 -0.03 -3.85
C PHE A 23 -7.81 0.07 -3.93
N GLN A 24 -8.31 0.53 -5.08
CA GLN A 24 -9.74 0.65 -5.35
C GLN A 24 -10.30 -0.65 -5.97
N PRO A 25 -11.63 -0.96 -5.76
CA PRO A 25 -12.62 -0.13 -5.02
C PRO A 25 -12.71 -0.49 -3.51
N CYS A 26 -11.57 -0.92 -2.91
CA CYS A 26 -11.52 -1.29 -1.50
C CYS A 26 -11.33 -0.04 -0.60
N GLY A 27 -10.11 0.53 -0.60
CA GLY A 27 -9.76 1.67 0.26
C GLY A 27 -8.42 1.49 0.95
N HIS A 28 -8.05 0.21 1.23
CA HIS A 28 -6.73 -0.16 1.81
C HIS A 28 -5.60 0.35 0.93
N LYS A 29 -4.61 1.00 1.56
CA LYS A 29 -3.48 1.63 0.89
C LYS A 29 -2.17 0.94 1.27
N SER A 30 -1.20 0.98 0.35
CA SER A 30 0.20 0.64 0.60
C SER A 30 1.04 1.63 -0.23
N CYS A 31 2.28 1.26 -0.56
CA CYS A 31 3.12 2.07 -1.46
C CYS A 31 3.07 1.48 -2.89
N LYS A 32 3.46 2.29 -3.89
CA LYS A 32 3.47 1.89 -5.32
C LYS A 32 4.48 0.74 -5.57
N ALA A 33 5.59 0.76 -4.82
CA ALA A 33 6.62 -0.31 -4.86
C ALA A 33 6.04 -1.69 -4.49
N CYS A 34 5.03 -1.66 -3.57
CA CYS A 34 4.30 -2.88 -3.14
C CYS A 34 3.54 -3.50 -4.30
N ILE A 35 2.68 -2.70 -4.96
CA ILE A 35 1.77 -3.21 -6.01
C ILE A 35 2.57 -3.61 -7.27
N ASN A 36 3.61 -2.84 -7.62
CA ASN A 36 4.47 -3.14 -8.79
C ASN A 36 5.20 -4.49 -8.60
N GLN A 37 5.64 -4.75 -7.35
CA GLN A 37 6.28 -6.02 -6.95
C GLN A 37 5.22 -7.15 -6.86
N HIS A 38 3.99 -6.78 -6.47
CA HIS A 38 2.88 -7.71 -6.26
C HIS A 38 2.34 -8.23 -7.60
N LEU A 39 2.40 -7.38 -8.64
CA LEU A 39 1.91 -7.70 -10.01
C LEU A 39 2.84 -8.71 -10.73
N MET A 40 3.98 -9.01 -10.09
CA MET A 40 4.87 -10.12 -10.49
C MET A 40 4.27 -11.48 -10.07
N ASN A 41 3.25 -11.44 -9.19
CA ASN A 41 2.60 -12.64 -8.62
C ASN A 41 1.06 -12.55 -8.72
N ASN A 42 0.42 -11.69 -7.90
CA ASN A 42 -1.06 -11.55 -7.82
C ASN A 42 -1.49 -10.08 -7.99
N LYS A 43 -2.78 -9.78 -7.75
CA LYS A 43 -3.33 -8.42 -7.82
C LYS A 43 -4.41 -8.29 -6.73
N ASP A 44 -4.17 -8.96 -5.60
CA ASP A 44 -5.13 -9.00 -4.46
C ASP A 44 -4.74 -8.00 -3.37
N CYS A 45 -5.73 -7.59 -2.56
CA CYS A 45 -5.54 -6.63 -1.46
C CYS A 45 -4.76 -7.33 -0.33
N PHE A 46 -3.53 -6.84 -0.04
CA PHE A 46 -2.61 -7.42 0.99
C PHE A 46 -3.31 -7.68 2.34
N PHE A 47 -4.24 -6.76 2.67
CA PHE A 47 -4.86 -6.70 4.00
C PHE A 47 -6.16 -7.53 4.11
N CYS A 48 -6.90 -7.75 2.98
CA CYS A 48 -8.27 -8.33 3.07
C CYS A 48 -8.66 -9.17 1.82
N LYS A 49 -7.65 -9.66 1.06
CA LYS A 49 -7.83 -10.61 -0.09
C LYS A 49 -8.46 -10.00 -1.37
N THR A 50 -9.31 -8.97 -1.23
CA THR A 50 -10.14 -8.44 -2.32
C THR A 50 -9.31 -8.00 -3.54
N THR A 51 -9.48 -8.71 -4.68
CA THR A 51 -8.76 -8.42 -5.93
C THR A 51 -9.01 -6.96 -6.37
N ILE A 52 -7.91 -6.24 -6.54
CA ILE A 52 -7.90 -4.80 -6.87
C ILE A 52 -8.34 -4.62 -8.34
N VAL A 53 -9.40 -3.83 -8.55
CA VAL A 53 -9.91 -3.52 -9.89
C VAL A 53 -9.08 -2.40 -10.53
N SER A 54 -8.60 -1.45 -9.70
CA SER A 54 -7.80 -0.31 -10.17
C SER A 54 -6.92 0.26 -9.04
N VAL A 55 -5.65 0.55 -9.36
CA VAL A 55 -4.67 1.09 -8.40
C VAL A 55 -4.37 2.56 -8.74
N GLU A 56 -4.89 3.47 -7.92
CA GLU A 56 -4.60 4.92 -8.01
C GLU A 56 -3.42 5.24 -7.08
N ASP A 57 -2.51 6.13 -7.50
CA ASP A 57 -1.43 6.61 -6.61
C ASP A 57 -2.00 7.67 -5.66
N TRP A 58 -1.95 7.39 -4.36
CA TRP A 58 -2.55 8.25 -3.34
C TRP A 58 -1.57 9.38 -2.96
N GLU A 59 -1.86 10.60 -3.44
CA GLU A 59 -1.14 11.81 -3.04
C GLU A 59 -1.79 12.36 -1.75
N LYS A 60 -0.97 12.69 -0.75
CA LYS A 60 -1.43 13.28 0.53
C LYS A 60 -1.80 14.76 0.34
N GLY A 61 -2.69 15.27 1.22
CA GLY A 61 -3.12 16.66 1.19
C GLY A 61 -4.13 16.95 2.29
N SER A 1 4.13 3.03 22.75
CA SER A 1 3.14 2.17 23.45
C SER A 1 1.73 2.36 22.86
N HIS A 2 1.38 3.60 22.49
CA HIS A 2 0.11 3.92 21.82
C HIS A 2 0.38 4.56 20.45
N MET A 3 0.47 3.70 19.41
CA MET A 3 0.47 4.08 17.99
C MET A 3 -0.27 2.96 17.20
N PRO A 4 -1.64 2.90 17.27
CA PRO A 4 -2.44 1.90 16.53
C PRO A 4 -2.86 2.40 15.13
N THR A 5 -2.15 3.43 14.65
CA THR A 5 -2.39 4.07 13.37
C THR A 5 -1.03 4.39 12.70
N SER A 6 -1.05 4.49 11.38
CA SER A 6 0.12 4.82 10.57
C SER A 6 0.38 6.35 10.62
N GLU A 7 1.36 6.71 11.48
CA GLU A 7 1.69 8.11 11.84
C GLU A 7 1.83 9.07 10.62
N GLU A 8 2.77 8.78 9.72
CA GLU A 8 3.09 9.65 8.57
C GLU A 8 2.36 9.17 7.31
N ASP A 9 1.34 8.31 7.51
CA ASP A 9 0.74 7.49 6.43
C ASP A 9 1.85 6.68 5.76
N LEU A 10 2.60 5.98 6.61
CA LEU A 10 3.66 5.06 6.21
C LEU A 10 3.04 3.79 5.59
N CYS A 11 3.74 3.24 4.61
CA CYS A 11 3.38 1.95 3.99
C CYS A 11 3.39 0.86 5.08
N PRO A 12 2.24 0.17 5.38
CA PRO A 12 2.15 -0.86 6.48
C PRO A 12 3.11 -2.05 6.27
N ILE A 13 3.58 -2.19 5.02
CA ILE A 13 4.52 -3.23 4.59
C ILE A 13 5.99 -2.83 4.84
N CYS A 14 6.34 -1.59 4.46
CA CYS A 14 7.75 -1.11 4.43
C CYS A 14 8.14 -0.42 5.76
N TYR A 15 7.18 0.34 6.32
CA TYR A 15 7.30 1.10 7.59
C TYR A 15 8.17 2.39 7.46
N ALA A 16 9.32 2.30 6.79
CA ALA A 16 10.28 3.42 6.67
C ALA A 16 9.83 4.49 5.64
N HIS A 17 9.13 4.04 4.58
CA HIS A 17 8.69 4.91 3.46
C HIS A 17 7.16 5.04 3.47
N PRO A 18 6.57 6.16 2.93
CA PRO A 18 5.11 6.44 2.98
C PRO A 18 4.28 5.64 1.95
N ILE A 19 3.00 6.01 1.85
CA ILE A 19 2.04 5.44 0.89
C ILE A 19 2.06 6.27 -0.41
N SER A 20 1.90 5.56 -1.55
CA SER A 20 1.88 6.15 -2.90
C SER A 20 0.85 5.44 -3.80
N ALA A 21 -0.03 4.62 -3.18
CA ALA A 21 -1.02 3.79 -3.89
C ALA A 21 -2.22 3.47 -2.99
N VAL A 22 -3.42 3.57 -3.56
CA VAL A 22 -4.69 3.16 -2.92
C VAL A 22 -5.36 2.12 -3.82
N PHE A 23 -5.71 0.97 -3.23
CA PHE A 23 -6.33 -0.17 -3.94
C PHE A 23 -7.84 -0.03 -3.81
N GLN A 24 -8.41 0.72 -4.77
CA GLN A 24 -9.83 1.03 -4.82
C GLN A 24 -10.68 -0.21 -5.19
N PRO A 25 -11.98 -0.27 -4.73
CA PRO A 25 -12.60 0.67 -3.74
C PRO A 25 -12.49 0.15 -2.29
N CYS A 26 -11.43 -0.63 -2.01
CA CYS A 26 -11.22 -1.28 -0.70
C CYS A 26 -10.69 -0.27 0.34
N GLY A 27 -9.78 0.61 -0.09
CA GLY A 27 -9.21 1.62 0.80
C GLY A 27 -7.93 1.20 1.51
N HIS A 28 -7.54 -0.09 1.36
CA HIS A 28 -6.18 -0.54 1.76
C HIS A 28 -5.14 0.14 0.88
N LYS A 29 -4.07 0.62 1.51
CA LYS A 29 -3.08 1.48 0.85
C LYS A 29 -1.65 1.03 1.24
N SER A 30 -0.71 1.27 0.32
CA SER A 30 0.73 1.09 0.54
C SER A 30 1.48 1.89 -0.54
N CYS A 31 2.81 1.75 -0.60
CA CYS A 31 3.60 2.37 -1.67
C CYS A 31 3.41 1.58 -2.97
N LYS A 32 3.41 2.28 -4.12
CA LYS A 32 3.09 1.68 -5.43
C LYS A 32 4.18 0.65 -5.87
N ALA A 33 5.37 0.78 -5.28
CA ALA A 33 6.46 -0.21 -5.43
C ALA A 33 6.04 -1.62 -4.95
N CYS A 34 5.27 -1.66 -3.83
CA CYS A 34 4.74 -2.91 -3.24
C CYS A 34 3.80 -3.65 -4.20
N ILE A 35 2.82 -2.90 -4.79
CA ILE A 35 1.77 -3.52 -5.62
C ILE A 35 2.32 -3.99 -6.97
N ASN A 36 3.27 -3.23 -7.55
CA ASN A 36 3.92 -3.60 -8.81
C ASN A 36 4.73 -4.91 -8.62
N GLN A 37 5.38 -5.02 -7.45
CA GLN A 37 6.09 -6.25 -7.03
C GLN A 37 5.08 -7.39 -6.71
N HIS A 38 3.87 -7.01 -6.31
CA HIS A 38 2.82 -7.98 -5.92
C HIS A 38 2.06 -8.51 -7.15
N LEU A 39 2.01 -7.73 -8.24
CA LEU A 39 1.26 -8.13 -9.47
C LEU A 39 1.93 -9.31 -10.18
N MET A 40 3.28 -9.42 -10.08
CA MET A 40 4.04 -10.58 -10.60
C MET A 40 3.72 -11.85 -9.77
N ASN A 41 3.22 -11.65 -8.54
CA ASN A 41 2.76 -12.71 -7.63
C ASN A 41 1.25 -13.01 -7.90
N ASN A 42 0.35 -12.12 -7.43
CA ASN A 42 -1.12 -12.21 -7.62
C ASN A 42 -1.72 -10.79 -7.69
N LYS A 43 -2.86 -10.65 -8.42
CA LYS A 43 -3.57 -9.36 -8.59
C LYS A 43 -4.63 -9.19 -7.47
N ASP A 44 -4.17 -9.14 -6.22
CA ASP A 44 -5.06 -8.97 -5.05
C ASP A 44 -4.55 -7.85 -4.12
N CYS A 45 -5.34 -7.53 -3.10
CA CYS A 45 -5.14 -6.40 -2.17
C CYS A 45 -4.46 -6.86 -0.86
N PHE A 46 -3.41 -7.69 -1.04
CA PHE A 46 -2.49 -8.16 0.02
C PHE A 46 -3.21 -8.87 1.19
N PHE A 47 -3.67 -8.07 2.16
CA PHE A 47 -4.10 -8.53 3.50
C PHE A 47 -5.48 -9.19 3.45
N CYS A 48 -6.37 -8.65 2.59
CA CYS A 48 -7.79 -9.06 2.53
C CYS A 48 -8.10 -9.82 1.22
N LYS A 49 -7.12 -9.82 0.28
CA LYS A 49 -7.25 -10.50 -1.05
C LYS A 49 -8.41 -9.96 -1.93
N THR A 50 -8.76 -8.67 -1.79
CA THR A 50 -9.69 -8.00 -2.73
C THR A 50 -9.02 -7.91 -4.12
N THR A 51 -9.73 -8.38 -5.15
CA THR A 51 -9.25 -8.30 -6.55
C THR A 51 -9.02 -6.83 -6.93
N ILE A 52 -7.77 -6.49 -7.35
CA ILE A 52 -7.40 -5.11 -7.69
C ILE A 52 -8.28 -4.55 -8.83
N VAL A 53 -9.23 -3.65 -8.45
CA VAL A 53 -10.10 -2.95 -9.42
C VAL A 53 -9.31 -1.79 -10.05
N SER A 54 -8.61 -1.01 -9.20
CA SER A 54 -7.76 0.10 -9.65
C SER A 54 -6.73 0.48 -8.56
N VAL A 55 -5.48 0.75 -9.00
CA VAL A 55 -4.42 1.32 -8.15
C VAL A 55 -4.21 2.78 -8.55
N GLU A 56 -4.64 3.70 -7.68
CA GLU A 56 -4.49 5.15 -7.89
C GLU A 56 -3.35 5.69 -7.02
N ASP A 57 -2.64 6.71 -7.52
CA ASP A 57 -1.55 7.37 -6.79
C ASP A 57 -2.13 8.15 -5.61
N TRP A 58 -2.12 7.53 -4.41
CA TRP A 58 -2.68 8.17 -3.21
C TRP A 58 -1.74 9.31 -2.75
N GLU A 59 -2.24 10.53 -2.90
CA GLU A 59 -1.59 11.75 -2.40
C GLU A 59 -1.90 11.90 -0.89
N LYS A 60 -0.91 12.41 -0.13
CA LYS A 60 -1.02 12.62 1.33
C LYS A 60 -1.22 14.12 1.65
N GLY A 61 -1.33 14.97 0.61
CA GLY A 61 -1.45 16.42 0.77
C GLY A 61 -0.10 17.13 0.65
#